data_8V0E
#
_entry.id   8V0E
#
_cell.length_a   78.997
_cell.length_b   137.470
_cell.length_c   96.248
_cell.angle_alpha   90.000
_cell.angle_beta   108.140
_cell.angle_gamma   90.000
#
_symmetry.space_group_name_H-M   'C 1 2 1'
#
loop_
_entity.id
_entity.type
_entity.pdbx_description
1 polymer 'E3 ubiquitin-protein ligase MIB1'
2 polymer 'Unidentified MIB1 peptide'
3 water water
#
loop_
_entity_poly.entity_id
_entity_poly.type
_entity_poly.pdbx_seq_one_letter_code
_entity_poly.pdbx_strand_id
1 'polypeptide(L)'
;NASGERLSQLLKKLFETQESGDLNEELVKAAANGDVAKVEDLLKRPDVDVNGQCAGHTAMQAASQNGHVDILKLLLKQNV
DVEAEDKDGDRAVHHAAFGDEGAVIEVLHRGSADLNARNKRRQTPLHIAVNKGHLQVVKTLLDFGCHPSLQDSEGDTPLH
DAISKKRDDILAVLLEAGADVTITNNNGFNALHHAALRGNPSAMRVLLSKLPRPWIVDEKKDDGYTALHLAALNNHVEVA
ELLVHQGNANLDIQNVNQQTALHLAVERQHTQIVRLLVRAGAKLDIQDKDGDTPLHEALRHHTLSQLRQLQDMQDVGKVD
AAWEPSKNTLIMGLGTQGAEKKSAASIACFLAANGADLSIRNKKGQSPLDLCPDPNLCKALAKCHK
;
A,B
2 'polypeptide(L)' (UNK)(UNK)(UNK)(UNK)(UNK) D
#
# COMPACT_ATOMS: atom_id res chain seq x y z
N SER A 20 28.31 -30.79 -25.75
CA SER A 20 28.28 -29.44 -26.28
C SER A 20 27.35 -28.54 -25.48
N GLY A 21 27.90 -27.96 -24.40
CA GLY A 21 27.14 -27.08 -23.53
C GLY A 21 26.59 -25.86 -24.22
N ASP A 22 27.19 -25.41 -25.32
CA ASP A 22 26.64 -24.30 -26.08
C ASP A 22 25.26 -24.64 -26.63
N LEU A 23 25.09 -25.85 -27.15
CA LEU A 23 23.80 -26.24 -27.69
C LEU A 23 22.77 -26.43 -26.60
N ASN A 24 23.17 -26.99 -25.45
CA ASN A 24 22.26 -27.07 -24.32
C ASN A 24 21.85 -25.68 -23.86
N GLU A 25 22.80 -24.76 -23.76
CA GLU A 25 22.47 -23.40 -23.40
C GLU A 25 21.45 -22.81 -24.37
N GLU A 26 21.66 -23.01 -25.67
CA GLU A 26 20.73 -22.45 -26.66
C GLU A 26 19.34 -23.07 -26.53
N LEU A 27 19.27 -24.38 -26.32
CA LEU A 27 17.96 -25.02 -26.15
C LEU A 27 17.24 -24.48 -24.91
N VAL A 28 17.96 -24.40 -23.79
CA VAL A 28 17.36 -23.96 -22.54
C VAL A 28 16.94 -22.50 -22.63
N LYS A 29 17.74 -21.67 -23.30
CA LYS A 29 17.41 -20.26 -23.41
C LYS A 29 16.23 -20.04 -24.34
N ALA A 30 16.17 -20.78 -25.45
CA ALA A 30 15.01 -20.68 -26.33
C ALA A 30 13.75 -21.13 -25.60
N ALA A 31 13.86 -22.20 -24.81
CA ALA A 31 12.71 -22.68 -24.06
C ALA A 31 12.26 -21.65 -23.03
N ALA A 32 13.18 -21.13 -22.23
CA ALA A 32 12.87 -20.04 -21.32
C ALA A 32 12.16 -18.88 -22.01
N ASN A 33 12.68 -18.43 -23.16
CA ASN A 33 12.14 -17.27 -23.85
C ASN A 33 10.87 -17.54 -24.64
N GLY A 34 10.58 -18.80 -24.98
CA GLY A 34 9.43 -19.09 -25.81
C GLY A 34 9.70 -19.15 -27.30
N ASP A 35 10.96 -19.37 -27.70
CA ASP A 35 11.31 -19.39 -29.13
C ASP A 35 10.99 -20.79 -29.66
N VAL A 36 9.71 -20.99 -29.96
CA VAL A 36 9.23 -22.30 -30.41
C VAL A 36 9.93 -22.74 -31.68
N ALA A 37 10.14 -21.82 -32.64
CA ALA A 37 10.86 -22.14 -33.87
C ALA A 37 12.27 -22.64 -33.57
N LYS A 38 13.02 -21.87 -32.79
CA LYS A 38 14.40 -22.26 -32.45
C LYS A 38 14.43 -23.61 -31.76
N VAL A 39 13.51 -23.85 -30.83
CA VAL A 39 13.48 -25.14 -30.13
C VAL A 39 13.21 -26.27 -31.12
N GLU A 40 12.27 -26.05 -32.05
CA GLU A 40 11.98 -27.06 -33.06
C GLU A 40 13.22 -27.40 -33.89
N ASP A 41 13.89 -26.35 -34.38
CA ASP A 41 15.11 -26.56 -35.18
C ASP A 41 16.18 -27.27 -34.36
N LEU A 42 16.29 -26.96 -33.06
CA LEU A 42 17.29 -27.63 -32.23
C LEU A 42 16.96 -29.09 -32.03
N LEU A 43 15.69 -29.40 -31.78
CA LEU A 43 15.32 -30.78 -31.54
C LEU A 43 15.43 -31.62 -32.79
N LYS A 44 15.50 -30.98 -33.96
CA LYS A 44 15.80 -31.72 -35.19
C LYS A 44 17.26 -32.18 -35.30
N ARG A 45 18.12 -31.94 -34.29
CA ARG A 45 19.55 -32.23 -34.41
C ARG A 45 19.97 -33.42 -33.55
N PRO A 46 20.96 -34.20 -33.98
CA PRO A 46 21.42 -35.34 -33.15
C PRO A 46 22.44 -34.96 -32.08
N ASP A 47 22.93 -33.73 -32.09
CA ASP A 47 23.92 -33.29 -31.12
C ASP A 47 23.29 -32.41 -30.04
N VAL A 48 21.96 -32.39 -29.97
CA VAL A 48 21.20 -31.61 -28.99
C VAL A 48 20.63 -32.58 -27.97
N ASP A 49 20.93 -32.33 -26.68
CA ASP A 49 20.43 -33.11 -25.55
C ASP A 49 19.14 -32.50 -25.04
N VAL A 50 18.03 -33.23 -25.15
CA VAL A 50 16.79 -32.71 -24.60
C VAL A 50 16.80 -32.76 -23.06
N ASN A 51 17.69 -33.53 -22.44
CA ASN A 51 17.79 -33.53 -20.99
C ASN A 51 18.99 -32.74 -20.52
N GLY A 52 19.65 -32.01 -21.43
CA GLY A 52 20.80 -31.22 -21.04
C GLY A 52 20.47 -30.26 -19.91
N GLN A 53 21.48 -29.91 -19.15
CA GLN A 53 21.35 -28.90 -18.10
C GLN A 53 22.37 -27.81 -18.35
N CYS A 54 21.88 -26.59 -18.53
CA CYS A 54 22.70 -25.39 -18.59
C CYS A 54 22.61 -24.70 -17.22
N ALA A 55 23.73 -24.64 -16.51
CA ALA A 55 23.76 -24.19 -15.12
C ALA A 55 22.75 -24.96 -14.27
N GLY A 56 22.70 -26.28 -14.48
CA GLY A 56 21.77 -27.13 -13.75
C GLY A 56 20.31 -26.96 -14.10
N HIS A 57 19.98 -26.07 -15.03
CA HIS A 57 18.60 -25.84 -15.42
C HIS A 57 18.30 -26.52 -16.76
N THR A 58 17.27 -27.34 -16.78
CA THR A 58 16.83 -28.00 -18.00
C THR A 58 15.81 -27.14 -18.74
N ALA A 59 15.53 -27.55 -19.97
CA ALA A 59 14.59 -26.84 -20.81
C ALA A 59 13.17 -27.03 -20.28
N MET A 60 12.86 -28.21 -19.78
CA MET A 60 11.57 -28.46 -19.16
C MET A 60 11.32 -27.52 -17.99
N GLN A 61 12.30 -27.39 -17.10
CA GLN A 61 12.15 -26.50 -15.95
C GLN A 61 11.96 -25.06 -16.40
N ALA A 62 12.76 -24.60 -17.37
CA ALA A 62 12.64 -23.26 -17.92
C ALA A 62 11.24 -23.01 -18.49
N ALA A 63 10.79 -23.87 -19.42
CA ALA A 63 9.51 -23.65 -20.06
C ALA A 63 8.36 -23.76 -19.06
N SER A 64 8.52 -24.56 -18.00
CA SER A 64 7.47 -24.69 -17.00
C SER A 64 7.40 -23.47 -16.12
N GLN A 65 8.56 -22.92 -15.77
CA GLN A 65 8.61 -21.75 -14.93
C GLN A 65 8.10 -20.52 -15.65
N ASN A 66 8.27 -20.47 -16.97
CA ASN A 66 7.88 -19.29 -17.72
C ASN A 66 6.55 -19.42 -18.43
N GLY A 67 5.92 -20.58 -18.42
CA GLY A 67 4.57 -20.69 -18.93
C GLY A 67 4.46 -20.99 -20.41
N HIS A 68 5.49 -21.60 -21.01
CA HIS A 68 5.54 -21.79 -22.46
C HIS A 68 5.06 -23.19 -22.81
N VAL A 69 3.76 -23.40 -22.61
CA VAL A 69 3.05 -24.65 -22.84
C VAL A 69 3.40 -25.30 -24.17
N ASP A 70 3.53 -24.51 -25.24
CA ASP A 70 3.80 -25.12 -26.53
C ASP A 70 5.20 -25.73 -26.57
N ILE A 71 6.18 -25.01 -26.02
CA ILE A 71 7.52 -25.55 -25.93
C ILE A 71 7.51 -26.81 -25.07
N LEU A 72 6.72 -26.80 -24.00
CA LEU A 72 6.61 -27.96 -23.13
C LEU A 72 6.04 -29.16 -23.87
N LYS A 73 5.07 -28.92 -24.76
CA LYS A 73 4.49 -30.01 -25.53
C LYS A 73 5.50 -30.59 -26.53
N LEU A 74 6.25 -29.71 -27.20
CA LEU A 74 7.32 -30.22 -28.06
C LEU A 74 8.32 -31.05 -27.26
N LEU A 75 8.70 -30.59 -26.06
CA LEU A 75 9.65 -31.35 -25.26
C LEU A 75 9.09 -32.70 -24.86
N LEU A 76 7.81 -32.74 -24.49
CA LEU A 76 7.17 -34.00 -24.14
C LEU A 76 7.13 -34.97 -25.31
N LYS A 77 7.06 -34.45 -26.55
CA LYS A 77 7.18 -35.34 -27.71
C LYS A 77 8.50 -36.11 -27.71
N GLN A 78 9.57 -35.51 -27.16
CA GLN A 78 10.94 -35.99 -27.32
C GLN A 78 11.39 -36.91 -26.20
N ASN A 79 10.48 -37.60 -25.52
CA ASN A 79 10.85 -38.57 -24.48
C ASN A 79 11.83 -37.95 -23.48
N VAL A 80 11.40 -36.90 -22.90
CA VAL A 80 12.19 -36.15 -21.94
C VAL A 80 11.97 -36.77 -20.57
N ASP A 81 12.96 -36.66 -19.70
CA ASP A 81 12.78 -37.08 -18.31
C ASP A 81 11.98 -36.03 -17.55
N VAL A 82 10.77 -36.41 -17.14
CA VAL A 82 9.86 -35.46 -16.52
C VAL A 82 10.11 -35.32 -15.03
N GLU A 83 10.63 -36.36 -14.37
CA GLU A 83 10.86 -36.33 -12.93
C GLU A 83 12.30 -35.95 -12.58
N ALA A 84 12.90 -35.00 -13.29
CA ALA A 84 14.31 -34.68 -13.13
C ALA A 84 14.44 -33.48 -12.21
N GLU A 85 15.22 -33.64 -11.15
CA GLU A 85 15.42 -32.64 -10.13
C GLU A 85 16.57 -31.70 -10.49
N ASP A 86 16.66 -30.57 -9.79
CA ASP A 86 17.81 -29.71 -9.92
C ASP A 86 18.63 -29.85 -8.64
N LYS A 87 19.44 -28.84 -8.31
CA LYS A 87 20.27 -28.99 -7.12
C LYS A 87 19.48 -28.85 -5.84
N ASP A 88 18.26 -28.29 -5.90
CA ASP A 88 17.38 -28.15 -4.73
C ASP A 88 16.28 -29.18 -4.70
N GLY A 89 16.25 -30.11 -5.66
CA GLY A 89 15.20 -31.10 -5.76
C GLY A 89 13.95 -30.63 -6.45
N ASP A 90 13.99 -29.46 -7.09
CA ASP A 90 12.84 -28.93 -7.80
C ASP A 90 12.72 -29.58 -9.16
N ARG A 91 11.53 -30.09 -9.47
CA ARG A 91 11.24 -30.71 -10.74
C ARG A 91 10.48 -29.70 -11.59
N ALA A 92 10.00 -30.15 -12.75
CA ALA A 92 9.24 -29.26 -13.61
C ALA A 92 7.99 -28.75 -12.89
N VAL A 93 7.32 -29.63 -12.15
CA VAL A 93 6.11 -29.24 -11.42
C VAL A 93 6.43 -28.12 -10.42
N HIS A 94 7.58 -28.20 -9.73
CA HIS A 94 7.90 -27.18 -8.75
C HIS A 94 8.19 -25.84 -9.45
N HIS A 95 8.87 -25.88 -10.59
CA HIS A 95 9.16 -24.64 -11.32
C HIS A 95 7.90 -24.02 -11.90
N ALA A 96 6.97 -24.85 -12.41
CA ALA A 96 5.66 -24.36 -12.79
C ALA A 96 4.99 -23.64 -11.61
N ALA A 97 5.18 -24.14 -10.39
CA ALA A 97 4.57 -23.41 -9.27
C ALA A 97 5.23 -22.07 -9.03
N PHE A 98 6.45 -21.85 -9.53
CA PHE A 98 6.98 -20.48 -9.51
C PHE A 98 6.29 -19.58 -10.51
N GLY A 99 5.32 -20.07 -11.29
CA GLY A 99 4.60 -19.22 -12.23
C GLY A 99 3.10 -19.34 -12.01
N ASP A 100 2.35 -18.58 -12.81
CA ASP A 100 0.93 -18.48 -12.58
C ASP A 100 0.11 -19.11 -13.69
N GLU A 101 0.70 -20.04 -14.43
CA GLU A 101 0.07 -20.68 -15.60
C GLU A 101 -0.35 -22.09 -15.22
N GLY A 102 -1.65 -22.26 -14.96
CA GLY A 102 -2.19 -23.57 -14.65
C GLY A 102 -2.13 -24.54 -15.82
N ALA A 103 -2.15 -24.00 -17.05
CA ALA A 103 -1.99 -24.84 -18.23
C ALA A 103 -0.75 -25.69 -18.15
N VAL A 104 0.35 -25.15 -17.61
CA VAL A 104 1.56 -25.93 -17.38
C VAL A 104 1.25 -27.14 -16.52
N ILE A 105 0.48 -26.94 -15.45
CA ILE A 105 0.11 -28.07 -14.60
C ILE A 105 -0.65 -29.10 -15.41
N GLU A 106 -1.56 -28.63 -16.27
CA GLU A 106 -2.35 -29.60 -17.03
C GLU A 106 -1.48 -30.39 -18.00
N VAL A 107 -0.53 -29.71 -18.66
CA VAL A 107 0.33 -30.40 -19.60
C VAL A 107 1.22 -31.40 -18.87
N LEU A 108 1.87 -30.96 -17.77
CA LEU A 108 2.72 -31.88 -17.01
C LEU A 108 1.92 -33.05 -16.45
N HIS A 109 0.66 -32.83 -16.08
CA HIS A 109 -0.15 -33.92 -15.56
C HIS A 109 -0.52 -34.90 -16.66
N ARG A 110 -0.74 -34.39 -17.87
CA ARG A 110 -1.00 -35.29 -18.97
C ARG A 110 0.22 -36.14 -19.27
N GLY A 111 1.41 -35.55 -19.17
CA GLY A 111 2.73 -36.16 -19.25
C GLY A 111 3.13 -37.06 -18.09
N SER A 112 2.19 -37.36 -17.18
CA SER A 112 2.35 -38.30 -16.06
C SER A 112 3.29 -37.81 -14.97
N ALA A 113 3.54 -36.50 -14.91
CA ALA A 113 4.36 -35.98 -13.83
C ALA A 113 3.66 -36.15 -12.49
N ASP A 114 4.46 -36.40 -11.47
CA ASP A 114 3.97 -36.56 -10.11
C ASP A 114 3.75 -35.19 -9.48
N LEU A 115 2.48 -34.81 -9.31
CA LEU A 115 2.15 -33.52 -8.72
C LEU A 115 2.42 -33.45 -7.21
N ASN A 116 2.82 -34.56 -6.58
CA ASN A 116 3.09 -34.60 -5.15
C ASN A 116 4.58 -34.67 -4.81
N ALA A 117 5.45 -34.39 -5.78
CA ALA A 117 6.88 -34.63 -5.59
C ALA A 117 7.48 -33.66 -4.57
N ARG A 118 8.40 -34.17 -3.76
CA ARG A 118 9.08 -33.35 -2.77
C ARG A 118 10.42 -32.86 -3.30
N ASN A 119 10.75 -31.63 -2.98
CA ASN A 119 12.06 -31.09 -3.23
C ASN A 119 12.93 -31.36 -1.99
N LYS A 120 14.10 -30.71 -1.90
CA LYS A 120 14.96 -30.95 -0.75
C LYS A 120 14.33 -30.49 0.56
N ARG A 121 13.58 -29.38 0.54
CA ARG A 121 12.87 -28.95 1.75
C ARG A 121 11.57 -29.70 1.96
N ARG A 122 11.31 -30.75 1.17
CA ARG A 122 10.11 -31.56 1.27
C ARG A 122 8.84 -30.81 0.90
N GLN A 123 8.97 -29.70 0.19
CA GLN A 123 7.82 -28.97 -0.33
C GLN A 123 7.24 -29.66 -1.55
N THR A 124 5.92 -29.77 -1.59
CA THR A 124 5.19 -30.10 -2.79
C THR A 124 5.09 -28.89 -3.70
N PRO A 125 4.66 -29.08 -4.96
CA PRO A 125 4.34 -27.90 -5.78
C PRO A 125 3.25 -27.02 -5.14
N LEU A 126 2.23 -27.63 -4.53
CA LEU A 126 1.22 -26.86 -3.80
C LEU A 126 1.87 -25.90 -2.80
N HIS A 127 2.87 -26.37 -2.06
CA HIS A 127 3.53 -25.50 -1.08
C HIS A 127 4.04 -24.24 -1.75
N ILE A 128 4.77 -24.42 -2.85
CA ILE A 128 5.40 -23.29 -3.54
C ILE A 128 4.35 -22.34 -4.10
N ALA A 129 3.36 -22.91 -4.78
CA ALA A 129 2.25 -22.13 -5.30
C ALA A 129 1.58 -21.29 -4.20
N VAL A 130 1.26 -21.91 -3.06
CA VAL A 130 0.78 -21.14 -1.92
C VAL A 130 1.75 -20.02 -1.57
N ASN A 131 3.02 -20.36 -1.36
CA ASN A 131 3.98 -19.38 -0.89
C ASN A 131 4.08 -18.20 -1.84
N LYS A 132 3.92 -18.45 -3.13
CA LYS A 132 4.13 -17.39 -4.12
C LYS A 132 2.82 -16.74 -4.52
N GLY A 133 1.72 -17.12 -3.87
CA GLY A 133 0.43 -16.48 -4.11
C GLY A 133 -0.12 -16.67 -5.51
N HIS A 134 0.01 -17.86 -6.08
CA HIS A 134 -0.49 -18.12 -7.43
C HIS A 134 -1.78 -18.93 -7.32
N LEU A 135 -2.91 -18.22 -7.31
CA LEU A 135 -4.20 -18.85 -7.04
C LEU A 135 -4.57 -19.89 -8.09
N GLN A 136 -4.45 -19.53 -9.38
CA GLN A 136 -4.90 -20.44 -10.43
C GLN A 136 -4.11 -21.74 -10.42
N VAL A 137 -2.80 -21.67 -10.18
CA VAL A 137 -2.00 -22.90 -10.14
C VAL A 137 -2.35 -23.72 -8.91
N VAL A 138 -2.56 -23.05 -7.76
CA VAL A 138 -3.02 -23.74 -6.55
C VAL A 138 -4.30 -24.50 -6.86
N LYS A 139 -5.24 -23.85 -7.54
CA LYS A 139 -6.54 -24.46 -7.80
C LYS A 139 -6.42 -25.58 -8.82
N THR A 140 -5.57 -25.40 -9.83
CA THR A 140 -5.35 -26.46 -10.82
C THR A 140 -4.72 -27.70 -10.17
N LEU A 141 -3.71 -27.49 -9.32
CA LEU A 141 -3.15 -28.59 -8.54
C LEU A 141 -4.25 -29.31 -7.77
N LEU A 142 -5.03 -28.55 -7.00
CA LEU A 142 -6.07 -29.18 -6.18
C LEU A 142 -7.08 -29.94 -7.03
N ASP A 143 -7.46 -29.37 -8.18
CA ASP A 143 -8.43 -30.04 -9.05
C ASP A 143 -7.89 -31.35 -9.61
N PHE A 144 -6.57 -31.43 -9.83
CA PHE A 144 -5.98 -32.68 -10.29
C PHE A 144 -5.86 -33.74 -9.20
N GLY A 145 -6.12 -33.41 -7.94
CA GLY A 145 -6.15 -34.41 -6.90
C GLY A 145 -4.91 -34.44 -6.03
N CYS A 146 -4.02 -33.46 -6.16
CA CYS A 146 -2.87 -33.41 -5.29
C CYS A 146 -3.34 -33.35 -3.84
N HIS A 147 -2.53 -33.92 -2.96
CA HIS A 147 -2.84 -33.99 -1.53
C HIS A 147 -2.68 -32.62 -0.88
N PRO A 148 -3.72 -32.08 -0.24
CA PRO A 148 -3.67 -30.67 0.20
C PRO A 148 -2.95 -30.43 1.51
N SER A 149 -2.54 -31.44 2.28
CA SER A 149 -2.04 -31.22 3.64
C SER A 149 -0.68 -31.85 3.90
N LEU A 150 0.14 -32.09 2.88
CA LEU A 150 1.45 -32.70 3.17
C LEU A 150 2.34 -31.72 3.90
N GLN A 151 3.38 -32.27 4.52
CA GLN A 151 4.24 -31.52 5.41
C GLN A 151 5.65 -31.36 4.87
N ASP A 152 6.24 -30.20 5.10
CA ASP A 152 7.58 -29.94 4.62
C ASP A 152 8.57 -30.21 5.76
N SER A 153 9.83 -29.87 5.53
CA SER A 153 10.90 -30.17 6.49
C SER A 153 10.59 -29.60 7.87
N GLU A 154 9.92 -28.45 7.92
CA GLU A 154 9.54 -27.83 9.17
C GLU A 154 8.20 -28.29 9.71
N GLY A 155 7.59 -29.31 9.10
CA GLY A 155 6.29 -29.76 9.52
C GLY A 155 5.13 -28.95 8.98
N ASP A 156 5.39 -27.92 8.18
CA ASP A 156 4.36 -26.97 7.75
C ASP A 156 3.55 -27.50 6.56
N THR A 157 2.24 -27.37 6.65
CA THR A 157 1.32 -27.72 5.58
C THR A 157 1.09 -26.51 4.70
N PRO A 158 0.44 -26.69 3.54
CA PRO A 158 0.05 -25.51 2.73
C PRO A 158 -0.86 -24.53 3.46
N LEU A 159 -1.65 -24.99 4.43
CA LEU A 159 -2.44 -24.08 5.25
C LEU A 159 -1.56 -23.20 6.12
N HIS A 160 -0.56 -23.78 6.78
CA HIS A 160 0.41 -22.99 7.53
C HIS A 160 1.02 -21.91 6.63
N ASP A 161 1.56 -22.33 5.49
CA ASP A 161 2.13 -21.37 4.54
C ASP A 161 1.14 -20.27 4.18
N ALA A 162 -0.10 -20.63 3.85
CA ALA A 162 -1.09 -19.63 3.47
C ALA A 162 -1.34 -18.64 4.59
N ILE A 163 -1.31 -19.12 5.83
CA ILE A 163 -1.46 -18.22 6.96
C ILE A 163 -0.23 -17.33 7.10
N SER A 164 0.97 -17.89 6.89
CA SER A 164 2.19 -17.11 7.11
C SER A 164 2.32 -16.00 6.09
N LYS A 165 1.93 -16.26 4.84
CA LYS A 165 2.13 -15.27 3.79
C LYS A 165 0.87 -14.49 3.52
N LYS A 166 -0.12 -14.61 4.40
CA LYS A 166 -1.34 -13.82 4.35
C LYS A 166 -2.06 -14.01 3.03
N ARG A 167 -2.15 -15.25 2.56
CA ARG A 167 -2.85 -15.56 1.32
C ARG A 167 -4.27 -16.02 1.66
N ASP A 168 -5.16 -15.04 1.88
CA ASP A 168 -6.47 -15.38 2.45
C ASP A 168 -7.37 -16.08 1.44
N ASP A 169 -7.28 -15.69 0.16
CA ASP A 169 -8.11 -16.35 -0.86
C ASP A 169 -7.63 -17.77 -1.11
N ILE A 170 -6.30 -17.96 -1.13
CA ILE A 170 -5.70 -19.28 -1.25
C ILE A 170 -6.03 -20.16 -0.06
N LEU A 171 -6.03 -19.58 1.14
CA LEU A 171 -6.42 -20.33 2.34
C LEU A 171 -7.85 -20.85 2.22
N ALA A 172 -8.78 -19.97 1.81
CA ALA A 172 -10.17 -20.42 1.63
C ALA A 172 -10.26 -21.54 0.58
N VAL A 173 -9.50 -21.41 -0.52
CA VAL A 173 -9.51 -22.42 -1.58
C VAL A 173 -8.98 -23.77 -1.08
N LEU A 174 -7.84 -23.75 -0.39
CA LEU A 174 -7.31 -24.95 0.24
C LEU A 174 -8.33 -25.61 1.17
N LEU A 175 -9.00 -24.81 1.98
CA LEU A 175 -9.95 -25.40 2.94
C LEU A 175 -11.14 -26.02 2.21
N GLU A 176 -11.54 -25.45 1.06
CA GLU A 176 -12.56 -26.12 0.25
C GLU A 176 -12.08 -27.44 -0.31
N ALA A 177 -10.77 -27.60 -0.55
CA ALA A 177 -10.27 -28.87 -1.04
C ALA A 177 -10.03 -29.86 0.07
N GLY A 178 -10.36 -29.50 1.30
CA GLY A 178 -10.17 -30.42 2.40
C GLY A 178 -8.83 -30.34 3.07
N ALA A 179 -8.10 -29.23 2.95
CA ALA A 179 -6.90 -29.07 3.74
C ALA A 179 -7.27 -29.18 5.21
N ASP A 180 -6.44 -29.87 5.97
CA ASP A 180 -6.73 -30.33 7.33
C ASP A 180 -6.20 -29.35 8.36
N VAL A 181 -7.12 -28.73 9.12
CA VAL A 181 -6.69 -27.76 10.12
C VAL A 181 -5.98 -28.36 11.33
N THR A 182 -6.01 -29.70 11.53
CA THR A 182 -5.54 -30.29 12.80
C THR A 182 -4.05 -30.67 12.80
N ILE A 183 -3.44 -30.82 11.64
CA ILE A 183 -2.04 -31.24 11.58
C ILE A 183 -1.14 -30.18 12.19
N THR A 184 -0.23 -30.61 13.06
CA THR A 184 0.67 -29.69 13.75
C THR A 184 2.02 -29.70 13.03
N ASN A 185 2.64 -28.53 12.93
CA ASN A 185 4.02 -28.44 12.46
C ASN A 185 4.99 -28.97 13.53
N ASN A 186 6.29 -29.02 13.20
CA ASN A 186 7.31 -29.47 14.16
C ASN A 186 7.26 -28.71 15.48
N ASN A 187 6.89 -27.42 15.46
CA ASN A 187 6.74 -26.67 16.70
C ASN A 187 5.46 -27.00 17.45
N GLY A 188 4.61 -27.88 16.91
CA GLY A 188 3.38 -28.29 17.55
C GLY A 188 2.19 -27.37 17.38
N PHE A 189 2.20 -26.47 16.39
CA PHE A 189 1.08 -25.57 16.14
C PHE A 189 0.23 -26.12 14.99
N ASN A 190 -1.06 -26.34 15.24
CA ASN A 190 -1.99 -26.65 14.14
C ASN A 190 -2.32 -25.35 13.41
N ALA A 191 -3.27 -25.39 12.46
CA ALA A 191 -3.59 -24.19 11.68
C ALA A 191 -4.16 -23.06 12.55
N LEU A 192 -5.01 -23.41 13.52
CA LEU A 192 -5.60 -22.37 14.38
C LEU A 192 -4.54 -21.77 15.31
N HIS A 193 -3.80 -22.63 16.01
CA HIS A 193 -2.69 -22.15 16.82
C HIS A 193 -1.81 -21.19 16.03
N HIS A 194 -1.49 -21.56 14.79
CA HIS A 194 -0.55 -20.80 13.99
C HIS A 194 -1.14 -19.45 13.61
N ALA A 195 -2.41 -19.44 13.19
CA ALA A 195 -3.08 -18.17 12.94
C ALA A 195 -3.15 -17.29 14.20
N ALA A 196 -3.20 -17.90 15.38
CA ALA A 196 -3.31 -17.09 16.60
C ALA A 196 -1.96 -16.55 17.02
N LEU A 197 -0.92 -17.34 16.85
CA LEU A 197 0.43 -16.80 17.07
C LEU A 197 0.71 -15.67 16.11
N ARG A 198 0.43 -15.87 14.82
CA ARG A 198 0.76 -14.84 13.85
C ARG A 198 -0.14 -13.63 13.93
N GLY A 199 -1.19 -13.65 14.76
CA GLY A 199 -2.12 -12.55 14.76
C GLY A 199 -2.75 -12.33 13.39
N ASN A 200 -3.34 -13.39 12.83
CA ASN A 200 -3.97 -13.33 11.51
C ASN A 200 -5.48 -13.43 11.61
N PRO A 201 -6.18 -12.30 11.82
CA PRO A 201 -7.66 -12.31 11.95
C PRO A 201 -8.43 -12.89 10.75
N SER A 202 -8.07 -12.51 9.53
CA SER A 202 -8.90 -12.94 8.41
C SER A 202 -8.68 -14.43 8.10
N ALA A 203 -7.47 -14.90 8.31
CA ALA A 203 -7.25 -16.35 8.25
C ALA A 203 -8.09 -17.07 9.30
N MET A 204 -8.09 -16.56 10.54
CA MET A 204 -8.87 -17.19 11.60
C MET A 204 -10.36 -17.21 11.26
N ARG A 205 -10.87 -16.15 10.64
CA ARG A 205 -12.28 -16.11 10.26
C ARG A 205 -12.62 -17.26 9.31
N VAL A 206 -11.78 -17.48 8.29
CA VAL A 206 -12.04 -18.60 7.36
C VAL A 206 -11.94 -19.94 8.07
N LEU A 207 -10.85 -20.12 8.84
CA LEU A 207 -10.60 -21.38 9.55
C LEU A 207 -11.78 -21.74 10.44
N LEU A 208 -12.29 -20.77 11.21
CA LEU A 208 -13.44 -21.02 12.07
C LEU A 208 -14.70 -21.31 11.26
N SER A 209 -14.80 -20.80 10.03
CA SER A 209 -15.92 -21.23 9.22
C SER A 209 -15.78 -22.67 8.73
N LYS A 210 -14.59 -23.24 8.72
CA LYS A 210 -14.39 -24.56 8.10
C LYS A 210 -13.99 -25.65 9.08
N LEU A 211 -14.53 -25.62 10.27
CA LEU A 211 -14.11 -26.61 11.27
C LEU A 211 -14.78 -27.95 10.99
N PRO A 212 -14.01 -29.04 10.87
CA PRO A 212 -14.64 -30.36 10.69
C PRO A 212 -15.47 -30.76 11.89
N ARG A 213 -15.07 -30.33 13.10
CA ARG A 213 -15.83 -30.54 14.34
C ARG A 213 -15.65 -29.36 15.29
N PRO A 214 -16.69 -28.98 16.02
CA PRO A 214 -16.62 -27.75 16.85
C PRO A 214 -15.48 -27.71 17.87
N TRP A 215 -15.23 -28.82 18.57
CA TRP A 215 -14.28 -28.82 19.67
C TRP A 215 -12.84 -28.63 19.22
N ILE A 216 -12.58 -28.66 17.91
CA ILE A 216 -11.22 -28.37 17.43
C ILE A 216 -10.79 -26.99 17.88
N VAL A 217 -11.76 -26.08 18.08
CA VAL A 217 -11.38 -24.75 18.59
C VAL A 217 -10.65 -24.81 19.93
N ASP A 218 -10.84 -25.87 20.73
CA ASP A 218 -10.28 -25.96 22.07
C ASP A 218 -9.11 -26.94 22.17
N GLU A 219 -8.54 -27.32 21.03
CA GLU A 219 -7.48 -28.30 20.98
C GLU A 219 -6.22 -27.71 21.61
N LYS A 220 -5.49 -28.55 22.36
CA LYS A 220 -4.35 -28.05 23.12
C LYS A 220 -3.05 -28.45 22.44
N LYS A 221 -2.09 -27.55 22.48
CA LYS A 221 -0.72 -27.94 22.19
C LYS A 221 -0.22 -28.77 23.38
N ASP A 222 0.97 -29.36 23.21
CA ASP A 222 1.56 -30.17 24.29
C ASP A 222 1.73 -29.37 25.59
N ASP A 223 2.08 -28.10 25.50
CA ASP A 223 2.17 -27.27 26.70
C ASP A 223 0.80 -26.88 27.24
N GLY A 224 -0.28 -27.36 26.62
CA GLY A 224 -1.63 -27.06 27.04
C GLY A 224 -2.18 -25.75 26.55
N TYR A 225 -1.48 -25.09 25.64
CA TYR A 225 -1.94 -23.81 25.13
C TYR A 225 -2.97 -24.06 24.04
N THR A 226 -4.12 -23.42 24.16
CA THR A 226 -5.09 -23.35 23.09
C THR A 226 -4.82 -22.13 22.23
N ALA A 227 -5.46 -22.09 21.05
CA ALA A 227 -5.42 -20.90 20.22
C ALA A 227 -5.78 -19.65 21.01
N LEU A 228 -6.76 -19.75 21.92
CA LEU A 228 -7.19 -18.57 22.66
C LEU A 228 -6.11 -18.11 23.65
N HIS A 229 -5.43 -19.05 24.31
CA HIS A 229 -4.22 -18.73 25.05
C HIS A 229 -3.23 -17.94 24.19
N LEU A 230 -2.89 -18.46 23.02
CA LEU A 230 -1.95 -17.77 22.14
C LEU A 230 -2.42 -16.36 21.80
N ALA A 231 -3.71 -16.18 21.51
CA ALA A 231 -4.17 -14.86 21.09
C ALA A 231 -4.14 -13.87 22.25
N ALA A 232 -4.53 -14.32 23.44
CA ALA A 232 -4.48 -13.46 24.62
C ALA A 232 -3.04 -13.11 24.99
N LEU A 233 -2.16 -14.10 24.91
CA LEU A 233 -0.79 -13.87 25.35
C LEU A 233 -0.09 -12.88 24.43
N ASN A 234 -0.47 -12.81 23.15
CA ASN A 234 0.21 -11.94 22.19
C ASN A 234 -0.60 -10.72 21.80
N ASN A 235 -1.73 -10.49 22.46
CA ASN A 235 -2.51 -9.27 22.36
C ASN A 235 -3.17 -9.13 20.99
N HIS A 236 -3.75 -10.22 20.50
CA HIS A 236 -4.41 -10.21 19.18
C HIS A 236 -5.91 -10.15 19.44
N VAL A 237 -6.45 -8.93 19.43
CA VAL A 237 -7.79 -8.69 19.93
C VAL A 237 -8.83 -9.24 18.98
N GLU A 238 -8.64 -9.01 17.68
CA GLU A 238 -9.62 -9.51 16.73
C GLU A 238 -9.58 -11.03 16.65
N VAL A 239 -8.38 -11.62 16.58
CA VAL A 239 -8.30 -13.10 16.63
C VAL A 239 -9.04 -13.62 17.84
N ALA A 240 -8.91 -12.94 18.97
CA ALA A 240 -9.51 -13.44 20.20
C ALA A 240 -11.02 -13.24 20.18
N GLU A 241 -11.50 -12.13 19.62
CA GLU A 241 -12.93 -11.94 19.40
C GLU A 241 -13.52 -13.04 18.53
N LEU A 242 -12.84 -13.39 17.43
CA LEU A 242 -13.34 -14.44 16.55
C LEU A 242 -13.41 -15.78 17.30
N LEU A 243 -12.33 -16.15 17.97
CA LEU A 243 -12.31 -17.40 18.71
C LEU A 243 -13.47 -17.44 19.69
N VAL A 244 -13.67 -16.34 20.42
CA VAL A 244 -14.69 -16.32 21.47
C VAL A 244 -16.07 -16.38 20.85
N HIS A 245 -16.36 -15.47 19.94
CA HIS A 245 -17.74 -15.27 19.52
C HIS A 245 -18.08 -16.06 18.26
N GLN A 246 -17.13 -16.23 17.31
CA GLN A 246 -17.40 -17.09 16.16
C GLN A 246 -17.00 -18.55 16.44
N GLY A 247 -15.96 -18.79 17.22
CA GLY A 247 -15.60 -20.18 17.46
C GLY A 247 -16.17 -20.83 18.71
N ASN A 248 -16.81 -20.02 19.57
CA ASN A 248 -17.38 -20.49 20.84
C ASN A 248 -16.31 -21.17 21.68
N ALA A 249 -15.11 -20.63 21.59
CA ALA A 249 -13.99 -21.18 22.33
C ALA A 249 -14.30 -21.22 23.82
N ASN A 250 -13.91 -22.33 24.44
CA ASN A 250 -14.04 -22.48 25.88
C ASN A 250 -13.13 -21.46 26.59
N LEU A 251 -13.75 -20.57 27.37
CA LEU A 251 -12.98 -19.49 27.99
C LEU A 251 -12.11 -19.94 29.15
N ASP A 252 -12.38 -21.11 29.74
CA ASP A 252 -11.78 -21.42 31.03
C ASP A 252 -10.79 -22.58 30.99
N ILE A 253 -10.39 -23.05 29.81
CA ILE A 253 -9.39 -24.10 29.70
C ILE A 253 -8.08 -23.61 30.30
N GLN A 254 -7.32 -24.54 30.88
CA GLN A 254 -6.10 -24.23 31.61
C GLN A 254 -4.95 -24.91 30.92
N ASN A 255 -3.85 -24.21 30.75
CA ASN A 255 -2.69 -24.83 30.13
C ASN A 255 -2.01 -25.73 31.15
N VAL A 256 -0.83 -26.26 30.84
CA VAL A 256 -0.16 -27.14 31.79
C VAL A 256 0.16 -26.41 33.09
N ASN A 257 0.50 -25.12 33.02
CA ASN A 257 0.69 -24.28 34.19
C ASN A 257 -0.61 -23.95 34.90
N GLN A 258 -1.75 -24.44 34.41
CA GLN A 258 -3.06 -24.19 34.99
C GLN A 258 -3.50 -22.74 34.85
N GLN A 259 -2.87 -22.01 33.95
CA GLN A 259 -3.30 -20.66 33.63
C GLN A 259 -4.43 -20.68 32.60
N THR A 260 -5.45 -19.87 32.86
CA THR A 260 -6.42 -19.58 31.82
C THR A 260 -5.90 -18.48 30.93
N ALA A 261 -6.61 -18.26 29.82
CA ALA A 261 -6.30 -17.13 28.96
C ALA A 261 -6.40 -15.81 29.74
N LEU A 262 -7.30 -15.74 30.71
CA LEU A 262 -7.42 -14.51 31.49
C LEU A 262 -6.18 -14.29 32.34
N HIS A 263 -5.58 -15.37 32.86
CA HIS A 263 -4.29 -15.22 33.54
C HIS A 263 -3.26 -14.61 32.61
N LEU A 264 -3.11 -15.17 31.40
CA LEU A 264 -2.08 -14.68 30.48
C LEU A 264 -2.36 -13.23 30.05
N ALA A 265 -3.62 -12.87 29.82
CA ALA A 265 -3.91 -11.48 29.46
C ALA A 265 -3.60 -10.52 30.61
N VAL A 266 -3.85 -10.93 31.86
CA VAL A 266 -3.53 -10.03 32.97
C VAL A 266 -2.02 -9.93 33.17
N GLU A 267 -1.30 -11.06 33.07
CA GLU A 267 0.15 -11.03 33.24
C GLU A 267 0.82 -10.08 32.26
N ARG A 268 0.35 -10.04 31.02
CA ARG A 268 1.00 -9.15 30.05
C ARG A 268 0.27 -7.83 29.93
N GLN A 269 -0.75 -7.59 30.76
CA GLN A 269 -1.41 -6.28 30.87
C GLN A 269 -2.11 -5.89 29.57
N HIS A 270 -2.74 -6.86 28.91
CA HIS A 270 -3.46 -6.64 27.66
C HIS A 270 -4.92 -6.34 28.04
N THR A 271 -5.21 -5.05 28.26
CA THR A 271 -6.49 -4.67 28.88
C THR A 271 -7.68 -4.99 27.99
N GLN A 272 -7.55 -4.80 26.67
CA GLN A 272 -8.65 -5.14 25.77
C GLN A 272 -8.95 -6.64 25.81
N ILE A 273 -7.92 -7.47 25.99
CA ILE A 273 -8.18 -8.90 26.07
C ILE A 273 -8.87 -9.21 27.39
N VAL A 274 -8.39 -8.60 28.48
CA VAL A 274 -9.08 -8.67 29.76
C VAL A 274 -10.56 -8.37 29.60
N ARG A 275 -10.88 -7.21 28.98
CA ARG A 275 -12.29 -6.83 28.83
C ARG A 275 -13.06 -7.85 28.01
N LEU A 276 -12.50 -8.27 26.89
CA LEU A 276 -13.17 -9.25 26.06
C LEU A 276 -13.49 -10.51 26.85
N LEU A 277 -12.50 -11.03 27.58
CA LEU A 277 -12.74 -12.29 28.28
C LEU A 277 -13.77 -12.12 29.38
N VAL A 278 -13.66 -11.04 30.16
CA VAL A 278 -14.58 -10.85 31.27
C VAL A 278 -15.99 -10.64 30.75
N ARG A 279 -16.17 -9.75 29.77
CA ARG A 279 -17.52 -9.50 29.28
C ARG A 279 -18.10 -10.73 28.62
N ALA A 280 -17.25 -11.58 28.04
CA ALA A 280 -17.77 -12.81 27.46
C ALA A 280 -18.20 -13.82 28.51
N GLY A 281 -17.90 -13.61 29.78
CA GLY A 281 -18.27 -14.55 30.84
C GLY A 281 -17.14 -15.39 31.39
N ALA A 282 -15.88 -14.96 31.27
CA ALA A 282 -14.78 -15.76 31.79
C ALA A 282 -14.91 -15.87 33.31
N LYS A 283 -14.72 -17.10 33.82
CA LYS A 283 -14.58 -17.30 35.26
C LYS A 283 -13.38 -16.52 35.76
N LEU A 284 -13.51 -15.91 36.95
CA LEU A 284 -12.47 -15.00 37.42
C LEU A 284 -11.61 -15.54 38.54
N ASP A 285 -12.03 -16.59 39.23
CA ASP A 285 -11.34 -17.05 40.43
C ASP A 285 -10.58 -18.35 40.24
N ILE A 286 -10.42 -18.81 38.99
CA ILE A 286 -9.57 -19.96 38.73
C ILE A 286 -8.14 -19.69 39.17
N GLN A 287 -7.50 -20.71 39.73
CA GLN A 287 -6.18 -20.59 40.32
C GLN A 287 -5.13 -21.36 39.52
N ASP A 288 -3.93 -20.77 39.38
CA ASP A 288 -2.89 -21.43 38.62
C ASP A 288 -2.10 -22.35 39.54
N LYS A 289 -0.96 -22.86 39.02
CA LYS A 289 -0.12 -23.81 39.76
C LYS A 289 0.35 -23.24 41.09
N ASP A 290 0.59 -21.93 41.16
CA ASP A 290 0.97 -21.26 42.40
C ASP A 290 -0.22 -20.94 43.31
N GLY A 291 -1.46 -21.17 42.86
CA GLY A 291 -2.65 -20.78 43.58
C GLY A 291 -3.15 -19.36 43.31
N ASP A 292 -2.59 -18.66 42.34
CA ASP A 292 -2.97 -17.27 42.09
C ASP A 292 -4.17 -17.18 41.15
N THR A 293 -5.05 -16.23 41.42
CA THR A 293 -6.10 -15.86 40.49
C THR A 293 -5.63 -14.68 39.63
N PRO A 294 -6.33 -14.37 38.53
CA PRO A 294 -5.97 -13.14 37.79
C PRO A 294 -5.80 -11.91 38.68
N LEU A 295 -6.67 -11.72 39.67
CA LEU A 295 -6.58 -10.57 40.55
C LEU A 295 -5.25 -10.54 41.30
N HIS A 296 -4.86 -11.69 41.86
CA HIS A 296 -3.52 -11.83 42.44
C HIS A 296 -2.47 -11.22 41.53
N GLU A 297 -2.51 -11.58 40.23
CA GLU A 297 -1.40 -11.22 39.35
C GLU A 297 -1.44 -9.74 38.97
N ALA A 298 -2.63 -9.18 38.78
CA ALA A 298 -2.71 -7.74 38.56
C ALA A 298 -2.17 -6.97 39.77
N LEU A 299 -2.62 -7.31 40.98
CA LEU A 299 -2.10 -6.62 42.15
C LEU A 299 -0.60 -6.82 42.30
N ARG A 300 -0.10 -8.03 42.05
CA ARG A 300 1.34 -8.26 42.08
C ARG A 300 2.07 -7.33 41.13
N HIS A 301 1.52 -7.14 39.91
CA HIS A 301 2.24 -6.33 38.94
C HIS A 301 2.23 -4.86 39.35
N HIS A 302 1.10 -4.41 39.90
CA HIS A 302 1.00 -3.07 40.47
C HIS A 302 2.06 -2.83 41.53
N THR A 303 2.09 -3.70 42.54
CA THR A 303 3.08 -3.59 43.60
C THR A 303 4.51 -3.63 43.07
N LEU A 304 4.80 -4.49 42.09
CA LEU A 304 6.17 -4.54 41.60
C LEU A 304 6.55 -3.24 40.89
N SER A 305 5.60 -2.64 40.16
CA SER A 305 5.89 -1.34 39.56
C SER A 305 6.18 -0.29 40.64
N GLN A 306 5.40 -0.31 41.72
CA GLN A 306 5.65 0.60 42.83
C GLN A 306 7.04 0.38 43.43
N LEU A 307 7.41 -0.89 43.63
CA LEU A 307 8.71 -1.20 44.19
C LEU A 307 9.82 -0.71 43.29
N ARG A 308 9.67 -0.88 41.97
CA ARG A 308 10.74 -0.44 41.10
C ARG A 308 10.80 1.08 41.04
N GLN A 309 9.67 1.77 41.21
CA GLN A 309 9.71 3.22 41.30
C GLN A 309 10.47 3.67 42.54
N LEU A 310 10.07 3.17 43.70
CA LEU A 310 10.75 3.54 44.94
C LEU A 310 12.20 3.06 44.96
N GLN A 311 12.53 2.07 44.15
CA GLN A 311 13.91 1.61 44.10
C GLN A 311 14.75 2.49 43.19
N ASP A 312 14.14 3.05 42.13
CA ASP A 312 14.90 3.94 41.28
C ASP A 312 15.06 5.31 41.91
N MET A 313 14.03 5.81 42.57
CA MET A 313 14.14 7.05 43.33
C MET A 313 15.25 6.97 44.40
N GLN A 314 15.52 5.77 44.92
CA GLN A 314 16.49 5.57 46.00
C GLN A 314 17.74 4.89 45.48
N ASP A 315 18.18 5.26 44.28
CA ASP A 315 19.35 4.66 43.66
C ASP A 315 20.29 5.80 43.29
N VAL A 316 21.17 5.55 42.33
CA VAL A 316 22.07 6.58 41.81
C VAL A 316 23.05 7.04 42.89
N GLU A 340 1.82 2.05 33.58
CA GLU A 340 2.05 0.62 33.81
C GLU A 340 1.55 0.22 35.20
N LYS A 341 1.76 1.06 36.22
CA LYS A 341 1.12 0.78 37.50
C LYS A 341 -0.32 1.26 37.48
N LYS A 342 -0.59 2.32 36.71
CA LYS A 342 -1.96 2.72 36.43
C LYS A 342 -2.74 1.61 35.72
N SER A 343 -2.12 0.96 34.73
CA SER A 343 -2.81 -0.07 33.98
C SER A 343 -3.11 -1.28 34.86
N ALA A 344 -2.14 -1.69 35.68
CA ALA A 344 -2.38 -2.81 36.61
C ALA A 344 -3.50 -2.48 37.59
N ALA A 345 -3.46 -1.29 38.19
CA ALA A 345 -4.55 -0.88 39.07
C ALA A 345 -5.90 -0.93 38.35
N SER A 346 -5.92 -0.47 37.10
CA SER A 346 -7.17 -0.40 36.37
C SER A 346 -7.72 -1.79 36.08
N ILE A 347 -6.83 -2.73 35.76
CA ILE A 347 -7.23 -4.11 35.54
C ILE A 347 -7.76 -4.71 36.83
N ALA A 348 -7.09 -4.43 37.95
CA ALA A 348 -7.50 -5.01 39.22
C ALA A 348 -8.89 -4.52 39.61
N CYS A 349 -9.15 -3.23 39.39
CA CYS A 349 -10.45 -2.70 39.72
C CYS A 349 -11.54 -3.24 38.80
N PHE A 350 -11.21 -3.46 37.53
CA PHE A 350 -12.16 -4.08 36.62
C PHE A 350 -12.55 -5.48 37.09
N LEU A 351 -11.54 -6.29 37.43
CA LEU A 351 -11.79 -7.64 37.94
C LEU A 351 -12.68 -7.61 39.17
N ALA A 352 -12.35 -6.73 40.13
CA ALA A 352 -13.17 -6.59 41.33
C ALA A 352 -14.60 -6.18 41.01
N ALA A 353 -14.77 -5.14 40.19
CA ALA A 353 -16.10 -4.68 39.83
C ALA A 353 -16.92 -5.80 39.20
N ASN A 354 -16.27 -6.72 38.51
CA ASN A 354 -17.01 -7.79 37.86
C ASN A 354 -17.15 -9.04 38.71
N GLY A 355 -16.72 -9.03 39.98
CA GLY A 355 -17.02 -10.14 40.89
C GLY A 355 -15.83 -10.94 41.38
N ALA A 356 -14.60 -10.61 40.97
CA ALA A 356 -13.42 -11.31 41.44
C ALA A 356 -13.37 -11.37 42.97
N ASP A 357 -13.15 -12.57 43.49
CA ASP A 357 -13.05 -12.76 44.93
C ASP A 357 -11.85 -12.05 45.51
N LEU A 358 -12.06 -11.32 46.61
CA LEU A 358 -10.97 -10.58 47.23
C LEU A 358 -10.22 -11.39 48.28
N SER A 359 -10.64 -12.62 48.57
CA SER A 359 -10.11 -13.35 49.71
C SER A 359 -9.35 -14.62 49.35
N ILE A 360 -9.54 -15.16 48.14
CA ILE A 360 -8.90 -16.41 47.73
C ILE A 360 -7.42 -16.39 48.10
N ARG A 361 -6.92 -17.49 48.63
CA ARG A 361 -5.56 -17.57 49.13
C ARG A 361 -4.76 -18.52 48.25
N ASN A 362 -3.58 -18.08 47.82
CA ASN A 362 -2.67 -18.92 47.04
C ASN A 362 -1.88 -19.86 47.97
N LYS A 363 -0.85 -20.53 47.42
CA LYS A 363 -0.13 -21.54 48.19
C LYS A 363 0.70 -20.91 49.30
N LYS A 364 1.27 -19.74 49.07
CA LYS A 364 1.87 -18.96 50.16
C LYS A 364 0.83 -18.46 51.16
N GLY A 365 -0.46 -18.71 50.95
CA GLY A 365 -1.44 -18.30 51.93
C GLY A 365 -1.87 -16.86 51.85
N GLN A 366 -1.48 -16.12 50.83
CA GLN A 366 -1.78 -14.70 50.78
C GLN A 366 -2.97 -14.43 49.88
N SER A 367 -3.87 -13.56 50.34
CA SER A 367 -5.03 -13.19 49.55
C SER A 367 -4.61 -12.17 48.51
N PRO A 368 -5.46 -11.85 47.53
CA PRO A 368 -5.11 -10.74 46.61
C PRO A 368 -4.74 -9.45 47.34
N LEU A 369 -5.51 -9.04 48.36
CA LEU A 369 -5.15 -7.83 49.08
C LEU A 369 -3.78 -7.94 49.75
N ASP A 370 -3.37 -9.17 50.12
CA ASP A 370 -2.07 -9.33 50.74
C ASP A 370 -0.94 -9.03 49.78
N LEU A 371 -1.24 -8.99 48.49
CA LEU A 371 -0.26 -8.65 47.49
C LEU A 371 -0.37 -7.19 47.08
N CYS A 372 -1.18 -6.40 47.78
CA CYS A 372 -1.35 -4.99 47.46
C CYS A 372 -1.19 -4.17 48.74
N PRO A 373 -0.01 -3.60 48.98
CA PRO A 373 0.19 -2.79 50.19
C PRO A 373 -0.41 -1.39 50.05
N ASP A 374 -0.52 -0.92 48.81
CA ASP A 374 -1.21 0.31 48.48
C ASP A 374 -2.57 0.35 49.19
N PRO A 375 -2.80 1.30 50.11
CA PRO A 375 -4.07 1.33 50.85
C PRO A 375 -5.20 1.88 50.01
N ASN A 376 -4.87 2.91 49.22
CA ASN A 376 -5.86 3.49 48.32
C ASN A 376 -6.37 2.48 47.31
N LEU A 377 -5.49 1.63 46.79
CA LEU A 377 -5.98 0.68 45.81
C LEU A 377 -6.87 -0.37 46.49
N CYS A 378 -6.51 -0.78 47.70
CA CYS A 378 -7.39 -1.69 48.43
C CYS A 378 -8.75 -1.05 48.68
N LYS A 379 -8.76 0.21 49.08
CA LYS A 379 -10.02 0.92 49.28
C LYS A 379 -10.83 0.94 47.99
N ALA A 380 -10.17 1.23 46.86
CA ALA A 380 -10.88 1.25 45.58
C ALA A 380 -11.45 -0.11 45.23
N LEU A 381 -10.69 -1.19 45.45
CA LEU A 381 -11.20 -2.53 45.17
C LEU A 381 -12.40 -2.86 46.02
N ALA A 382 -12.37 -2.50 47.31
CA ALA A 382 -13.52 -2.78 48.16
C ALA A 382 -14.74 -1.94 47.74
N LYS A 383 -14.53 -0.67 47.39
CA LYS A 383 -15.62 0.18 46.96
C LYS A 383 -16.31 -0.33 45.70
N CYS A 384 -15.56 -0.80 44.70
CA CYS A 384 -16.18 -1.29 43.46
C CYS A 384 -16.39 -2.81 43.48
N HIS A 385 -17.07 -3.30 44.51
CA HIS A 385 -17.21 -4.74 44.67
C HIS A 385 -18.54 -5.02 45.32
N LYS A 386 -19.00 -6.27 45.19
CA LYS A 386 -20.27 -6.73 45.73
C LYS A 386 -21.40 -5.86 45.19
N GLY B 21 25.65 -5.91 -41.50
CA GLY B 21 24.52 -5.05 -41.18
C GLY B 21 23.98 -5.32 -39.79
N ASP B 22 23.66 -6.60 -39.53
CA ASP B 22 23.19 -6.99 -38.22
C ASP B 22 24.22 -6.73 -37.13
N LEU B 23 25.42 -6.29 -37.48
CA LEU B 23 26.39 -5.83 -36.48
C LEU B 23 25.81 -4.73 -35.62
N ASN B 24 25.01 -3.83 -36.20
CA ASN B 24 24.37 -2.80 -35.42
C ASN B 24 23.43 -3.40 -34.39
N GLU B 25 22.60 -4.36 -34.81
CA GLU B 25 21.73 -5.09 -33.87
C GLU B 25 22.55 -5.70 -32.74
N GLU B 26 23.65 -6.37 -33.10
CA GLU B 26 24.48 -7.04 -32.11
C GLU B 26 25.05 -6.05 -31.10
N LEU B 27 25.64 -4.96 -31.60
CA LEU B 27 26.24 -3.96 -30.71
C LEU B 27 25.20 -3.33 -29.80
N VAL B 28 24.02 -3.02 -30.34
CA VAL B 28 22.96 -2.41 -29.53
C VAL B 28 22.54 -3.35 -28.40
N LYS B 29 22.26 -4.61 -28.74
CA LYS B 29 21.85 -5.56 -27.72
C LYS B 29 22.96 -5.77 -26.69
N ALA B 30 24.21 -5.90 -27.14
CA ALA B 30 25.33 -6.13 -26.24
C ALA B 30 25.51 -4.97 -25.26
N ALA B 31 25.37 -3.74 -25.76
CA ALA B 31 25.47 -2.57 -24.89
C ALA B 31 24.34 -2.58 -23.86
N ALA B 32 23.10 -2.78 -24.32
CA ALA B 32 21.97 -2.98 -23.42
C ALA B 32 22.30 -4.00 -22.32
N ASN B 33 22.89 -5.13 -22.70
CA ASN B 33 23.18 -6.19 -21.74
C ASN B 33 24.36 -5.84 -20.83
N GLY B 34 25.21 -4.91 -21.28
CA GLY B 34 26.42 -4.60 -20.56
C GLY B 34 27.61 -5.40 -21.02
N ASP B 35 27.57 -5.94 -22.23
CA ASP B 35 28.62 -6.81 -22.74
C ASP B 35 29.76 -5.94 -23.28
N VAL B 36 30.60 -5.48 -22.34
CA VAL B 36 31.74 -4.64 -22.70
C VAL B 36 32.68 -5.40 -23.62
N ALA B 37 32.86 -6.69 -23.36
CA ALA B 37 33.70 -7.52 -24.22
C ALA B 37 33.23 -7.46 -25.68
N LYS B 38 31.97 -7.83 -25.94
CA LYS B 38 31.44 -7.79 -27.30
C LYS B 38 31.49 -6.38 -27.87
N VAL B 39 31.09 -5.39 -27.08
CA VAL B 39 31.09 -4.00 -27.55
C VAL B 39 32.50 -3.57 -27.91
N GLU B 40 33.49 -3.91 -27.08
CA GLU B 40 34.87 -3.54 -27.37
C GLU B 40 35.36 -4.21 -28.65
N ASP B 41 35.14 -5.53 -28.76
CA ASP B 41 35.60 -6.25 -29.95
C ASP B 41 34.84 -5.82 -31.19
N LEU B 42 33.50 -5.80 -31.11
CA LEU B 42 32.70 -5.43 -32.28
C LEU B 42 33.03 -4.03 -32.77
N LEU B 43 33.50 -3.15 -31.87
CA LEU B 43 33.83 -1.79 -32.26
C LEU B 43 35.07 -1.75 -33.15
N LYS B 44 36.05 -2.60 -32.89
CA LYS B 44 37.29 -2.61 -33.65
C LYS B 44 37.12 -3.18 -35.07
N ARG B 45 35.88 -3.32 -35.54
CA ARG B 45 35.64 -3.86 -36.86
C ARG B 45 35.20 -2.76 -37.84
N PRO B 46 35.53 -2.89 -39.12
CA PRO B 46 35.17 -1.86 -40.10
C PRO B 46 33.74 -1.95 -40.62
N ASP B 47 32.98 -2.98 -40.25
CA ASP B 47 31.61 -3.14 -40.69
C ASP B 47 30.59 -2.82 -39.59
N VAL B 48 31.01 -2.18 -38.51
CA VAL B 48 30.14 -1.84 -37.39
C VAL B 48 29.79 -0.36 -37.43
N ASP B 49 28.54 -0.06 -37.12
CA ASP B 49 28.01 1.31 -37.18
C ASP B 49 27.68 1.78 -35.76
N VAL B 50 28.54 2.65 -35.22
CA VAL B 50 28.31 3.18 -33.87
C VAL B 50 27.04 4.00 -33.81
N ASN B 51 26.78 4.79 -34.86
CA ASN B 51 25.56 5.56 -35.04
C ASN B 51 24.41 4.75 -35.66
N GLY B 52 24.50 3.41 -35.65
CA GLY B 52 23.47 2.56 -36.19
C GLY B 52 22.07 2.80 -35.67
N GLN B 53 21.07 2.27 -36.39
CA GLN B 53 19.66 2.52 -36.08
C GLN B 53 18.92 1.21 -35.90
N CYS B 54 17.83 1.27 -35.14
CA CYS B 54 16.96 0.12 -34.88
C CYS B 54 15.58 0.58 -34.42
N THR B 58 18.94 3.03 -30.92
CA THR B 58 20.36 3.34 -31.03
C THR B 58 21.15 2.66 -29.91
N ALA B 59 22.47 2.51 -30.08
CA ALA B 59 23.27 1.86 -29.06
C ALA B 59 23.54 2.78 -27.88
N MET B 60 23.88 4.04 -28.15
CA MET B 60 24.08 5.01 -27.08
C MET B 60 22.85 5.11 -26.20
N GLN B 61 21.68 5.20 -26.82
CA GLN B 61 20.42 5.27 -26.09
C GLN B 61 20.21 4.04 -25.23
N ALA B 62 20.47 2.86 -25.79
CA ALA B 62 20.37 1.59 -25.04
C ALA B 62 21.24 1.60 -23.80
N ALA B 63 22.55 1.81 -23.97
CA ALA B 63 23.45 1.77 -22.83
C ALA B 63 23.17 2.88 -21.83
N SER B 64 22.60 4.00 -22.29
CA SER B 64 22.26 5.10 -21.40
C SER B 64 21.03 4.77 -20.58
N GLN B 65 20.04 4.13 -21.21
CA GLN B 65 18.83 3.73 -20.50
C GLN B 65 19.10 2.59 -19.54
N ASN B 66 20.10 1.76 -19.81
CA ASN B 66 20.37 0.61 -18.96
C ASN B 66 21.50 0.83 -17.96
N GLY B 67 22.26 1.91 -18.08
CA GLY B 67 23.22 2.26 -17.06
C GLY B 67 24.61 1.73 -17.25
N HIS B 68 25.02 1.43 -18.48
CA HIS B 68 26.30 0.79 -18.74
C HIS B 68 27.35 1.85 -19.07
N VAL B 69 27.63 2.65 -18.04
CA VAL B 69 28.56 3.76 -18.07
C VAL B 69 29.83 3.39 -18.82
N ASP B 70 30.33 2.18 -18.60
CA ASP B 70 31.57 1.75 -19.22
C ASP B 70 31.41 1.63 -20.73
N ILE B 71 30.36 0.94 -21.18
CA ILE B 71 30.09 0.86 -22.61
C ILE B 71 29.79 2.24 -23.18
N LEU B 72 29.11 3.10 -22.42
CA LEU B 72 28.85 4.45 -22.91
C LEU B 72 30.14 5.25 -23.04
N LYS B 73 31.07 5.08 -22.11
CA LYS B 73 32.37 5.73 -22.24
C LYS B 73 33.17 5.16 -23.39
N LEU B 74 33.04 3.86 -23.66
CA LEU B 74 33.69 3.29 -24.83
C LEU B 74 33.09 3.87 -26.10
N LEU B 75 31.77 4.02 -26.15
CA LEU B 75 31.14 4.65 -27.31
C LEU B 75 31.53 6.11 -27.43
N LEU B 76 31.73 6.79 -26.29
CA LEU B 76 32.11 8.19 -26.33
C LEU B 76 33.54 8.41 -26.83
N LYS B 77 34.40 7.40 -26.72
CA LYS B 77 35.73 7.51 -27.29
C LYS B 77 35.66 7.70 -28.80
N GLN B 78 34.90 6.84 -29.48
CA GLN B 78 34.56 7.07 -30.87
C GLN B 78 33.62 8.27 -30.98
N ASN B 79 33.42 8.72 -32.22
CA ASN B 79 32.60 9.91 -32.47
C ASN B 79 31.17 9.48 -32.82
N VAL B 80 30.37 9.24 -31.76
CA VAL B 80 28.92 9.02 -31.90
C VAL B 80 28.23 10.36 -31.71
N ASP B 81 27.12 10.55 -32.41
CA ASP B 81 26.33 11.75 -32.22
C ASP B 81 25.51 11.62 -30.94
N VAL B 82 25.72 12.54 -30.01
CA VAL B 82 24.97 12.44 -28.76
C VAL B 82 23.60 13.06 -28.94
N GLU B 83 23.47 13.99 -29.88
CA GLU B 83 22.22 14.74 -30.05
C GLU B 83 21.27 14.09 -31.03
N ALA B 84 21.16 12.76 -31.00
CA ALA B 84 20.43 12.00 -31.99
C ALA B 84 19.10 11.53 -31.43
N GLU B 85 18.02 11.88 -32.13
CA GLU B 85 16.69 11.48 -31.70
C GLU B 85 16.34 10.09 -32.21
N ASP B 86 15.23 9.57 -31.71
CA ASP B 86 14.61 8.35 -32.19
C ASP B 86 13.29 8.73 -32.88
N LYS B 87 12.37 7.77 -32.94
CA LYS B 87 11.07 8.02 -33.55
C LYS B 87 10.19 8.91 -32.68
N ASP B 88 10.53 9.07 -31.41
CA ASP B 88 9.83 9.97 -30.50
C ASP B 88 10.60 11.24 -30.16
N GLY B 89 11.80 11.42 -30.71
CA GLY B 89 12.63 12.58 -30.40
C GLY B 89 13.45 12.48 -29.14
N ASP B 90 13.52 11.31 -28.52
CA ASP B 90 14.32 11.12 -27.31
C ASP B 90 15.78 10.89 -27.68
N ARG B 91 16.68 11.61 -27.01
CA ARG B 91 18.11 11.49 -27.23
C ARG B 91 18.71 10.63 -26.13
N ALA B 92 20.05 10.61 -26.06
CA ALA B 92 20.72 9.88 -24.98
C ALA B 92 20.35 10.43 -23.61
N VAL B 93 20.27 11.75 -23.48
CA VAL B 93 19.92 12.35 -22.19
C VAL B 93 18.54 11.86 -21.75
N HIS B 94 17.59 11.78 -22.69
CA HIS B 94 16.25 11.35 -22.34
C HIS B 94 16.25 9.89 -21.90
N HIS B 95 17.09 9.07 -22.55
CA HIS B 95 17.17 7.66 -22.17
C HIS B 95 17.82 7.49 -20.80
N ALA B 96 18.85 8.26 -20.50
CA ALA B 96 19.36 8.29 -19.13
C ALA B 96 18.25 8.66 -18.16
N ALA B 97 17.38 9.59 -18.56
CA ALA B 97 16.30 9.98 -17.65
C ALA B 97 15.26 8.89 -17.51
N PHE B 98 15.19 7.93 -18.44
CA PHE B 98 14.35 6.77 -18.15
C PHE B 98 14.92 5.86 -17.06
N GLY B 99 16.13 6.12 -16.58
CA GLY B 99 16.74 5.31 -15.54
C GLY B 99 17.17 6.19 -14.39
N ASP B 100 17.75 5.54 -13.37
CA ASP B 100 18.08 6.21 -12.13
C ASP B 100 19.58 6.33 -11.90
N GLU B 101 20.38 6.30 -12.98
CA GLU B 101 21.84 6.34 -12.88
C GLU B 101 22.34 7.73 -13.29
N GLY B 102 22.61 8.57 -12.29
CA GLY B 102 23.14 9.89 -12.54
C GLY B 102 24.53 9.87 -13.16
N ALA B 103 25.27 8.79 -12.95
CA ALA B 103 26.57 8.64 -13.61
C ALA B 103 26.42 8.78 -15.12
N VAL B 104 25.36 8.22 -15.69
CA VAL B 104 25.08 8.37 -17.13
C VAL B 104 25.01 9.85 -17.49
N ILE B 105 24.31 10.64 -16.68
CA ILE B 105 24.21 12.08 -16.91
C ILE B 105 25.58 12.72 -16.85
N GLU B 106 26.41 12.31 -15.89
CA GLU B 106 27.72 12.93 -15.76
C GLU B 106 28.60 12.62 -16.97
N VAL B 107 28.47 11.39 -17.48
CA VAL B 107 29.24 11.00 -18.67
C VAL B 107 28.75 11.79 -19.89
N LEU B 108 27.44 11.83 -20.10
CA LEU B 108 26.90 12.60 -21.22
C LEU B 108 27.22 14.08 -21.10
N HIS B 109 27.37 14.59 -19.87
CA HIS B 109 27.75 15.99 -19.68
C HIS B 109 29.22 16.20 -20.03
N ARG B 110 30.08 15.22 -19.71
CA ARG B 110 31.46 15.29 -20.15
C ARG B 110 31.55 15.34 -21.66
N GLY B 111 30.66 14.65 -22.37
CA GLY B 111 30.55 14.64 -23.81
C GLY B 111 29.86 15.82 -24.45
N SER B 112 29.52 16.85 -23.66
CA SER B 112 28.96 18.12 -24.13
C SER B 112 27.53 17.98 -24.65
N ALA B 113 26.82 16.94 -24.23
CA ALA B 113 25.43 16.77 -24.61
C ALA B 113 24.56 17.88 -24.02
N ASP B 114 23.50 18.23 -24.75
CA ASP B 114 22.57 19.26 -24.30
C ASP B 114 21.60 18.67 -23.29
N LEU B 115 21.77 19.02 -22.02
CA LEU B 115 20.88 18.53 -20.98
C LEU B 115 19.50 19.15 -21.01
N ASN B 116 19.28 20.18 -21.82
CA ASN B 116 18.00 20.87 -21.97
C ASN B 116 17.29 20.47 -23.28
N ALA B 117 17.64 19.33 -23.86
CA ALA B 117 17.10 18.97 -25.16
C ALA B 117 15.61 18.66 -25.07
N ARG B 118 14.88 19.08 -26.09
CA ARG B 118 13.44 18.84 -26.17
C ARG B 118 13.21 17.64 -27.07
N ASN B 119 12.24 16.81 -26.71
CA ASN B 119 11.81 15.73 -27.58
C ASN B 119 10.59 16.21 -28.38
N LYS B 120 9.88 15.27 -29.02
CA LYS B 120 8.67 15.65 -29.75
C LYS B 120 7.60 16.18 -28.81
N ARG B 121 7.51 15.64 -27.60
CA ARG B 121 6.59 16.14 -26.59
C ARG B 121 7.09 17.44 -25.96
N ARG B 122 8.22 17.96 -26.44
CA ARG B 122 8.88 19.13 -25.87
C ARG B 122 9.36 18.91 -24.43
N GLN B 123 9.47 17.66 -24.00
CA GLN B 123 9.99 17.34 -22.67
C GLN B 123 11.50 17.46 -22.63
N THR B 124 12.00 18.13 -21.61
CA THR B 124 13.41 18.06 -21.25
C THR B 124 13.69 16.73 -20.56
N PRO B 125 14.97 16.39 -20.38
CA PRO B 125 15.26 15.21 -19.55
C PRO B 125 14.73 15.34 -18.14
N LEU B 126 14.80 16.54 -17.56
CA LEU B 126 14.21 16.79 -16.24
C LEU B 126 12.77 16.35 -16.18
N HIS B 127 11.98 16.63 -17.23
CA HIS B 127 10.58 16.21 -17.25
C HIS B 127 10.48 14.71 -17.08
N ILE B 128 11.27 13.96 -17.84
CA ILE B 128 11.16 12.50 -17.79
C ILE B 128 11.60 11.98 -16.43
N ALA B 129 12.75 12.44 -15.94
CA ALA B 129 13.22 12.04 -14.62
C ALA B 129 12.15 12.29 -13.56
N VAL B 130 11.58 13.49 -13.53
CA VAL B 130 10.47 13.80 -12.63
C VAL B 130 9.33 12.80 -12.80
N ASN B 131 8.86 12.63 -14.03
CA ASN B 131 7.71 11.76 -14.29
C ASN B 131 7.98 10.34 -13.85
N LYS B 132 9.23 9.91 -13.87
CA LYS B 132 9.57 8.52 -13.57
C LYS B 132 10.09 8.36 -12.15
N GLY B 133 10.06 9.43 -11.37
CA GLY B 133 10.41 9.41 -9.96
C GLY B 133 11.83 9.02 -9.64
N HIS B 134 12.78 9.48 -10.44
CA HIS B 134 14.20 9.16 -10.26
C HIS B 134 14.89 10.37 -9.63
N LEU B 135 14.98 10.35 -8.29
CA LEU B 135 15.44 11.52 -7.54
C LEU B 135 16.90 11.86 -7.83
N GLN B 136 17.78 10.85 -7.80
CA GLN B 136 19.20 11.13 -8.01
C GLN B 136 19.43 11.74 -9.39
N VAL B 137 18.69 11.28 -10.40
CA VAL B 137 18.85 11.85 -11.73
C VAL B 137 18.34 13.30 -11.77
N VAL B 138 17.20 13.56 -11.12
CA VAL B 138 16.68 14.92 -11.06
C VAL B 138 17.72 15.83 -10.44
N LYS B 139 18.34 15.38 -9.35
CA LYS B 139 19.29 16.22 -8.65
C LYS B 139 20.55 16.39 -9.47
N THR B 140 20.99 15.34 -10.15
CA THR B 140 22.19 15.46 -10.96
C THR B 140 21.98 16.48 -12.08
N LEU B 141 20.85 16.37 -12.78
CA LEU B 141 20.49 17.36 -13.80
C LEU B 141 20.52 18.77 -13.22
N LEU B 142 19.82 18.99 -12.10
CA LEU B 142 19.77 20.33 -11.53
C LEU B 142 21.15 20.85 -11.17
N ASP B 143 22.00 19.98 -10.60
CA ASP B 143 23.35 20.38 -10.23
C ASP B 143 24.19 20.74 -11.45
N PHE B 144 23.97 20.07 -12.59
CA PHE B 144 24.69 20.44 -13.81
C PHE B 144 24.17 21.73 -14.45
N GLY B 145 23.06 22.28 -13.98
CA GLY B 145 22.64 23.59 -14.43
C GLY B 145 21.50 23.58 -15.42
N CYS B 146 20.85 22.45 -15.62
CA CYS B 146 19.69 22.40 -16.50
C CYS B 146 18.64 23.40 -16.05
N HIS B 147 17.89 23.91 -17.01
CA HIS B 147 16.83 24.87 -16.74
C HIS B 147 15.64 24.19 -16.09
N PRO B 148 15.25 24.59 -14.88
CA PRO B 148 14.29 23.80 -14.10
C PRO B 148 12.82 24.03 -14.43
N SER B 149 12.46 25.03 -15.26
CA SER B 149 11.06 25.41 -15.45
C SER B 149 10.62 25.42 -16.92
N LEU B 150 11.28 24.70 -17.81
CA LEU B 150 10.83 24.69 -19.21
C LEU B 150 9.48 23.98 -19.36
N GLN B 151 8.78 24.31 -20.43
CA GLN B 151 7.40 23.87 -20.62
C GLN B 151 7.30 22.88 -21.78
N ASP B 152 6.42 21.91 -21.62
CA ASP B 152 6.25 20.88 -22.61
C ASP B 152 5.05 21.26 -23.49
N SER B 153 4.64 20.33 -24.36
CA SER B 153 3.56 20.63 -25.29
C SER B 153 2.31 21.11 -24.58
N GLU B 154 2.00 20.54 -23.42
CA GLU B 154 0.81 20.95 -22.70
C GLU B 154 1.04 22.13 -21.78
N GLY B 155 2.21 22.78 -21.88
CA GLY B 155 2.53 23.87 -20.99
C GLY B 155 3.07 23.46 -19.64
N ASP B 156 3.20 22.16 -19.37
CA ASP B 156 3.55 21.66 -18.05
C ASP B 156 5.05 21.81 -17.81
N THR B 157 5.40 22.33 -16.65
CA THR B 157 6.77 22.41 -16.17
C THR B 157 7.10 21.17 -15.35
N PRO B 158 8.37 20.96 -15.02
CA PRO B 158 8.70 19.83 -14.12
C PRO B 158 8.01 19.88 -12.77
N LEU B 159 7.69 21.08 -12.27
CA LEU B 159 6.93 21.19 -11.03
C LEU B 159 5.50 20.68 -11.20
N HIS B 160 4.84 21.06 -12.30
CA HIS B 160 3.52 20.51 -12.61
C HIS B 160 3.55 18.98 -12.62
N ASP B 161 4.46 18.41 -13.42
CA ASP B 161 4.61 16.95 -13.42
C ASP B 161 4.78 16.40 -12.01
N ALA B 162 5.70 16.97 -11.21
CA ALA B 162 5.92 16.47 -9.85
C ALA B 162 4.65 16.52 -9.02
N ILE B 163 3.81 17.52 -9.25
CA ILE B 163 2.53 17.58 -8.56
C ILE B 163 1.60 16.48 -9.06
N SER B 164 1.59 16.23 -10.38
CA SER B 164 0.66 15.25 -10.95
C SER B 164 1.00 13.84 -10.50
N LYS B 165 2.27 13.52 -10.38
CA LYS B 165 2.65 12.15 -10.05
C LYS B 165 2.95 11.99 -8.57
N LYS B 166 2.60 12.98 -7.74
CA LYS B 166 2.72 12.88 -6.29
C LYS B 166 4.15 12.56 -5.87
N ARG B 167 5.13 13.21 -6.51
CA ARG B 167 6.54 13.04 -6.19
C ARG B 167 7.01 14.18 -5.27
N ASP B 168 6.74 14.03 -3.98
CA ASP B 168 6.90 15.16 -3.07
C ASP B 168 8.36 15.50 -2.78
N ASP B 169 9.22 14.50 -2.72
CA ASP B 169 10.63 14.79 -2.48
C ASP B 169 11.26 15.51 -3.69
N ILE B 170 10.88 15.08 -4.89
CA ILE B 170 11.35 15.73 -6.11
C ILE B 170 10.80 17.15 -6.23
N LEU B 171 9.55 17.36 -5.86
CA LEU B 171 9.01 18.72 -5.86
C LEU B 171 9.82 19.63 -4.95
N ALA B 172 10.14 19.17 -3.75
CA ALA B 172 10.95 19.97 -2.84
C ALA B 172 12.33 20.24 -3.41
N VAL B 173 12.94 19.22 -4.04
CA VAL B 173 14.26 19.37 -4.64
C VAL B 173 14.23 20.40 -5.78
N LEU B 174 13.25 20.28 -6.68
CA LEU B 174 13.03 21.27 -7.74
C LEU B 174 12.91 22.69 -7.20
N LEU B 175 12.14 22.85 -6.13
CA LEU B 175 11.94 24.19 -5.58
C LEU B 175 13.23 24.74 -4.99
N GLU B 176 14.07 23.87 -4.40
CA GLU B 176 15.39 24.31 -3.97
C GLU B 176 16.26 24.73 -5.15
N ALA B 177 16.08 24.10 -6.32
CA ALA B 177 16.85 24.53 -7.49
C ALA B 177 16.26 25.75 -8.18
N GLY B 178 15.19 26.31 -7.65
CA GLY B 178 14.63 27.53 -8.23
C GLY B 178 13.56 27.33 -9.27
N ALA B 179 12.90 26.18 -9.29
CA ALA B 179 11.77 25.99 -10.19
C ALA B 179 10.72 27.05 -9.89
N ASP B 180 10.14 27.63 -10.95
CA ASP B 180 9.31 28.82 -10.84
C ASP B 180 7.84 28.40 -10.66
N VAL B 181 7.27 28.76 -9.51
CA VAL B 181 5.87 28.45 -9.20
C VAL B 181 4.86 29.26 -10.00
N THR B 182 5.27 30.34 -10.67
CA THR B 182 4.30 31.25 -11.30
C THR B 182 3.93 30.86 -12.73
N ILE B 183 4.71 30.01 -13.38
CA ILE B 183 4.47 29.66 -14.78
C ILE B 183 3.18 28.88 -14.93
N THR B 184 2.35 29.28 -15.90
CA THR B 184 1.03 28.71 -16.11
C THR B 184 1.03 27.64 -17.21
N ASN B 185 0.13 26.69 -17.04
CA ASN B 185 -0.21 25.70 -18.05
C ASN B 185 -0.82 26.36 -19.29
N ASN B 186 -0.92 25.57 -20.39
CA ASN B 186 -1.81 25.97 -21.48
C ASN B 186 -3.23 26.16 -20.95
N ASN B 187 -3.60 25.41 -19.93
CA ASN B 187 -4.89 25.59 -19.27
C ASN B 187 -4.90 26.79 -18.32
N GLY B 188 -3.78 27.49 -18.17
CA GLY B 188 -3.71 28.65 -17.31
C GLY B 188 -3.57 28.39 -15.82
N PHE B 189 -3.11 27.21 -15.41
CA PHE B 189 -2.87 26.88 -14.01
C PHE B 189 -1.38 26.99 -13.70
N ASN B 190 -1.02 27.81 -12.69
CA ASN B 190 0.35 27.77 -12.19
C ASN B 190 0.52 26.57 -11.26
N ALA B 191 1.68 26.44 -10.64
CA ALA B 191 1.94 25.27 -9.80
C ALA B 191 0.94 25.19 -8.62
N LEU B 192 0.59 26.33 -8.04
CA LEU B 192 -0.33 26.34 -6.90
C LEU B 192 -1.76 26.02 -7.34
N HIS B 193 -2.26 26.71 -8.37
CA HIS B 193 -3.53 26.34 -8.97
C HIS B 193 -3.57 24.83 -9.24
N HIS B 194 -2.49 24.29 -9.79
CA HIS B 194 -2.49 22.91 -10.21
C HIS B 194 -2.57 21.98 -9.01
N ALA B 195 -1.76 22.25 -7.97
CA ALA B 195 -1.86 21.49 -6.72
C ALA B 195 -3.25 21.61 -6.09
N ALA B 196 -3.94 22.74 -6.29
CA ALA B 196 -5.23 22.86 -5.63
C ALA B 196 -6.32 22.11 -6.39
N LEU B 197 -6.23 22.10 -7.72
CA LEU B 197 -7.14 21.28 -8.53
C LEU B 197 -6.96 19.79 -8.22
N ARG B 198 -5.72 19.31 -8.22
CA ARG B 198 -5.44 17.91 -7.96
C ARG B 198 -5.67 17.49 -6.52
N GLY B 199 -5.94 18.43 -5.61
CA GLY B 199 -6.08 18.08 -4.22
C GLY B 199 -4.82 17.43 -3.67
N ASN B 200 -3.69 18.11 -3.82
CA ASN B 200 -2.40 17.57 -3.38
C ASN B 200 -1.89 18.29 -2.13
N PRO B 201 -2.30 17.88 -0.93
CA PRO B 201 -1.91 18.63 0.30
C PRO B 201 -0.40 18.79 0.52
N SER B 202 0.39 17.73 0.34
CA SER B 202 1.80 17.86 0.73
C SER B 202 2.58 18.67 -0.29
N ALA B 203 2.19 18.57 -1.57
CA ALA B 203 2.74 19.47 -2.56
C ALA B 203 2.44 20.92 -2.21
N MET B 204 1.19 21.22 -1.82
CA MET B 204 0.86 22.59 -1.43
C MET B 204 1.68 23.03 -0.23
N ARG B 205 1.94 22.11 0.72
CA ARG B 205 2.75 22.45 1.89
C ARG B 205 4.12 22.96 1.44
N VAL B 206 4.78 22.21 0.56
CA VAL B 206 6.11 22.63 0.11
C VAL B 206 6.03 23.94 -0.68
N LEU B 207 5.08 24.02 -1.63
CA LEU B 207 4.94 25.20 -2.46
C LEU B 207 4.80 26.46 -1.61
N LEU B 208 3.90 26.42 -0.62
CA LEU B 208 3.71 27.56 0.26
C LEU B 208 4.95 27.84 1.11
N SER B 209 5.77 26.83 1.41
CA SER B 209 7.01 27.20 2.08
C SER B 209 8.00 27.92 1.16
N LYS B 210 7.90 27.76 -0.16
CA LYS B 210 8.93 28.31 -1.05
C LYS B 210 8.46 29.48 -1.93
N LEU B 211 7.54 30.32 -1.45
CA LEU B 211 7.00 31.40 -2.29
C LEU B 211 8.01 32.53 -2.43
N PRO B 212 8.34 32.94 -3.67
CA PRO B 212 9.26 34.09 -3.84
C PRO B 212 8.68 35.37 -3.31
N ARG B 213 7.36 35.53 -3.39
CA ARG B 213 6.71 36.69 -2.80
C ARG B 213 5.33 36.31 -2.27
N PRO B 214 4.93 36.91 -1.16
CA PRO B 214 3.75 36.41 -0.44
C PRO B 214 2.48 36.43 -1.26
N TRP B 215 2.27 37.51 -2.02
CA TRP B 215 1.02 37.73 -2.74
C TRP B 215 0.81 36.73 -3.88
N ILE B 216 1.82 35.92 -4.20
CA ILE B 216 1.65 34.86 -5.20
C ILE B 216 0.57 33.92 -4.77
N VAL B 217 0.34 33.81 -3.46
CA VAL B 217 -0.76 32.97 -2.99
C VAL B 217 -2.11 33.41 -3.58
N ASP B 218 -2.23 34.66 -4.03
CA ASP B 218 -3.50 35.24 -4.47
C ASP B 218 -3.58 35.44 -5.97
N GLU B 219 -2.73 34.79 -6.74
CA GLU B 219 -2.68 35.02 -8.18
C GLU B 219 -3.93 34.44 -8.84
N LYS B 220 -4.44 35.14 -9.84
CA LYS B 220 -5.68 34.74 -10.47
C LYS B 220 -5.39 34.14 -11.84
N LYS B 221 -6.11 33.09 -12.20
CA LYS B 221 -6.17 32.68 -13.58
C LYS B 221 -7.06 33.65 -14.35
N ASP B 222 -7.07 33.53 -15.68
CA ASP B 222 -7.90 34.41 -16.50
C ASP B 222 -9.35 34.44 -16.06
N ASP B 223 -9.89 33.30 -15.61
CA ASP B 223 -11.25 33.31 -15.10
C ASP B 223 -11.36 33.95 -13.72
N GLY B 224 -10.25 34.42 -13.14
CA GLY B 224 -10.31 35.01 -11.82
C GLY B 224 -10.27 34.01 -10.70
N TYR B 225 -10.03 32.74 -10.99
CA TYR B 225 -9.99 31.74 -9.93
C TYR B 225 -8.62 31.82 -9.27
N THR B 226 -8.61 31.92 -7.95
CA THR B 226 -7.41 31.70 -7.16
C THR B 226 -7.30 30.22 -6.78
N ALA B 227 -6.11 29.83 -6.31
CA ALA B 227 -5.93 28.51 -5.72
C ALA B 227 -6.99 28.22 -4.67
N LEU B 228 -7.36 29.23 -3.87
CA LEU B 228 -8.34 28.96 -2.81
C LEU B 228 -9.74 28.70 -3.39
N HIS B 229 -10.12 29.44 -4.43
CA HIS B 229 -11.32 29.11 -5.17
C HIS B 229 -11.31 27.65 -5.59
N LEU B 230 -10.25 27.24 -6.26
CA LEU B 230 -10.14 25.86 -6.75
C LEU B 230 -10.29 24.85 -5.62
N ALA B 231 -9.64 25.11 -4.48
CA ALA B 231 -9.68 24.14 -3.39
C ALA B 231 -11.05 24.09 -2.75
N ALA B 232 -11.70 25.25 -2.62
CA ALA B 232 -13.05 25.26 -2.08
C ALA B 232 -14.02 24.52 -3.01
N LEU B 233 -13.92 24.76 -4.31
CA LEU B 233 -14.89 24.21 -5.26
C LEU B 233 -14.79 22.70 -5.38
N ASN B 234 -13.60 22.14 -5.18
CA ASN B 234 -13.42 20.69 -5.34
C ASN B 234 -13.30 20.00 -4.00
N ASN B 235 -13.55 20.70 -2.89
CA ASN B 235 -13.74 20.09 -1.58
C ASN B 235 -12.44 19.46 -1.07
N HIS B 236 -11.33 20.20 -1.22
CA HIS B 236 -10.00 19.74 -0.78
C HIS B 236 -9.70 20.52 0.49
N VAL B 237 -10.04 19.93 1.63
CA VAL B 237 -10.08 20.67 2.90
C VAL B 237 -8.69 20.95 3.42
N GLU B 238 -7.78 19.98 3.34
CA GLU B 238 -6.43 20.26 3.84
C GLU B 238 -5.72 21.28 2.97
N VAL B 239 -5.82 21.16 1.64
CA VAL B 239 -5.25 22.20 0.77
C VAL B 239 -5.76 23.57 1.18
N ALA B 240 -7.03 23.66 1.56
CA ALA B 240 -7.58 24.96 1.88
C ALA B 240 -7.10 25.45 3.25
N GLU B 241 -6.96 24.55 4.22
CA GLU B 241 -6.34 24.93 5.48
C GLU B 241 -4.94 25.48 5.26
N LEU B 242 -4.15 24.80 4.42
CA LEU B 242 -2.79 25.29 4.15
C LEU B 242 -2.81 26.67 3.50
N LEU B 243 -3.61 26.85 2.46
CA LEU B 243 -3.69 28.15 1.80
C LEU B 243 -4.11 29.24 2.78
N VAL B 244 -5.13 28.96 3.59
CA VAL B 244 -5.70 29.96 4.49
C VAL B 244 -4.70 30.35 5.56
N HIS B 245 -4.17 29.35 6.27
CA HIS B 245 -3.40 29.58 7.49
C HIS B 245 -1.90 29.58 7.25
N GLN B 246 -1.41 28.72 6.35
CA GLN B 246 0.00 28.79 6.02
C GLN B 246 0.24 29.82 4.93
N GLY B 247 -0.68 29.98 3.99
CA GLY B 247 -0.41 30.96 2.93
C GLY B 247 -0.95 32.36 3.14
N ASN B 248 -1.77 32.57 4.17
CA ASN B 248 -2.38 33.88 4.43
C ASN B 248 -3.15 34.34 3.20
N ALA B 249 -3.75 33.38 2.53
CA ALA B 249 -4.53 33.69 1.35
C ALA B 249 -5.63 34.70 1.71
N ASN B 250 -5.81 35.67 0.83
CA ASN B 250 -6.91 36.61 0.97
C ASN B 250 -8.22 35.86 0.81
N LEU B 251 -9.05 35.87 1.86
CA LEU B 251 -10.25 35.06 1.85
C LEU B 251 -11.32 35.61 0.93
N ASP B 252 -11.27 36.91 0.60
CA ASP B 252 -12.46 37.56 0.08
C ASP B 252 -12.32 37.93 -1.40
N ILE B 253 -11.28 37.44 -2.07
CA ILE B 253 -11.09 37.70 -3.49
C ILE B 253 -12.27 37.15 -4.30
N GLN B 254 -12.56 37.79 -5.42
CA GLN B 254 -13.72 37.47 -6.23
C GLN B 254 -13.26 37.05 -7.61
N ASN B 255 -13.83 35.97 -8.13
CA ASN B 255 -13.48 35.58 -9.49
C ASN B 255 -14.20 36.52 -10.47
N VAL B 256 -14.11 36.24 -11.77
CA VAL B 256 -14.76 37.11 -12.74
C VAL B 256 -16.26 37.13 -12.53
N ASN B 257 -16.84 36.00 -12.12
CA ASN B 257 -18.26 35.91 -11.75
C ASN B 257 -18.56 36.60 -10.42
N GLN B 258 -17.56 37.24 -9.80
CA GLN B 258 -17.68 37.96 -8.54
C GLN B 258 -17.97 37.04 -7.36
N GLN B 259 -17.74 35.76 -7.53
CA GLN B 259 -17.83 34.82 -6.43
C GLN B 259 -16.56 34.78 -5.60
N THR B 260 -16.74 34.75 -4.29
CA THR B 260 -15.65 34.40 -3.37
C THR B 260 -15.57 32.88 -3.26
N ALA B 261 -14.51 32.39 -2.62
CA ALA B 261 -14.44 30.97 -2.30
C ALA B 261 -15.62 30.51 -1.45
N LEU B 262 -16.15 31.40 -0.61
CA LEU B 262 -17.27 30.99 0.23
C LEU B 262 -18.52 30.74 -0.60
N HIS B 263 -18.72 31.52 -1.67
CA HIS B 263 -19.81 31.25 -2.61
C HIS B 263 -19.69 29.85 -3.20
N LEU B 264 -18.50 29.50 -3.68
CA LEU B 264 -18.31 28.18 -4.28
C LEU B 264 -18.54 27.07 -3.27
N ALA B 265 -18.07 27.25 -2.03
CA ALA B 265 -18.27 26.21 -1.02
C ALA B 265 -19.75 26.04 -0.71
N VAL B 266 -20.52 27.13 -0.73
CA VAL B 266 -21.94 26.96 -0.45
C VAL B 266 -22.63 26.32 -1.65
N GLU B 267 -22.27 26.70 -2.88
CA GLU B 267 -22.93 26.15 -4.07
C GLU B 267 -22.80 24.64 -4.12
N ARG B 268 -21.63 24.12 -3.81
CA ARG B 268 -21.38 22.69 -3.88
C ARG B 268 -21.55 22.00 -2.52
N GLN B 269 -21.99 22.75 -1.51
CA GLN B 269 -22.40 22.15 -0.23
C GLN B 269 -21.23 21.48 0.49
N HIS B 270 -20.05 22.09 0.42
CA HIS B 270 -18.85 21.54 1.07
C HIS B 270 -18.74 22.14 2.47
N THR B 271 -19.34 21.46 3.45
CA THR B 271 -19.58 22.04 4.76
C THR B 271 -18.28 22.30 5.53
N GLN B 272 -17.32 21.38 5.46
CA GLN B 272 -16.06 21.61 6.15
C GLN B 272 -15.37 22.86 5.63
N ILE B 273 -15.49 23.13 4.33
CA ILE B 273 -14.88 24.33 3.75
C ILE B 273 -15.60 25.58 4.20
N VAL B 274 -16.95 25.55 4.19
CA VAL B 274 -17.73 26.63 4.78
C VAL B 274 -17.24 26.93 6.18
N ARG B 275 -17.10 25.90 7.01
CA ARG B 275 -16.65 26.10 8.38
C ARG B 275 -15.24 26.70 8.42
N LEU B 276 -14.31 26.14 7.65
CA LEU B 276 -12.95 26.68 7.63
C LEU B 276 -12.94 28.15 7.25
N LEU B 277 -13.64 28.50 6.17
CA LEU B 277 -13.61 29.87 5.68
C LEU B 277 -14.27 30.81 6.69
N VAL B 278 -15.42 30.42 7.25
CA VAL B 278 -16.10 31.30 8.19
C VAL B 278 -15.26 31.49 9.45
N ARG B 279 -14.72 30.41 10.01
CA ARG B 279 -13.92 30.53 11.21
C ARG B 279 -12.68 31.36 10.98
N ALA B 280 -12.11 31.30 9.77
CA ALA B 280 -10.95 32.12 9.49
C ALA B 280 -11.28 33.61 9.35
N GLY B 281 -12.55 33.98 9.30
CA GLY B 281 -12.91 35.38 9.16
C GLY B 281 -13.38 35.82 7.79
N ALA B 282 -13.90 34.92 6.96
CA ALA B 282 -14.36 35.32 5.64
C ALA B 282 -15.54 36.28 5.76
N LYS B 283 -15.51 37.37 4.98
CA LYS B 283 -16.70 38.21 4.86
C LYS B 283 -17.85 37.38 4.30
N LEU B 284 -19.05 37.62 4.83
CA LEU B 284 -20.20 36.77 4.55
C LEU B 284 -21.23 37.41 3.64
N ASP B 285 -21.18 38.74 3.44
CA ASP B 285 -22.21 39.46 2.71
C ASP B 285 -21.75 39.93 1.33
N ILE B 286 -20.59 39.48 0.86
CA ILE B 286 -20.17 39.79 -0.50
C ILE B 286 -21.17 39.25 -1.52
N GLN B 287 -21.44 40.02 -2.56
CA GLN B 287 -22.47 39.71 -3.53
C GLN B 287 -21.85 39.35 -4.88
N ASP B 288 -22.41 38.35 -5.56
CA ASP B 288 -21.83 37.94 -6.84
C ASP B 288 -22.50 38.72 -7.98
N LYS B 289 -22.24 38.30 -9.23
CA LYS B 289 -22.77 39.02 -10.38
C LYS B 289 -24.29 39.13 -10.36
N ASP B 290 -24.98 38.11 -9.82
CA ASP B 290 -26.43 38.10 -9.64
C ASP B 290 -26.89 38.90 -8.42
N GLY B 291 -25.98 39.41 -7.59
CA GLY B 291 -26.36 40.05 -6.35
C GLY B 291 -26.53 39.11 -5.17
N ASP B 292 -26.20 37.83 -5.34
CA ASP B 292 -26.40 36.85 -4.29
C ASP B 292 -25.23 36.85 -3.32
N THR B 293 -25.55 36.64 -2.06
CA THR B 293 -24.60 36.29 -1.02
C THR B 293 -24.61 34.79 -0.81
N PRO B 294 -23.58 34.23 -0.17
CA PRO B 294 -23.63 32.78 0.16
C PRO B 294 -24.94 32.33 0.79
N LEU B 295 -25.52 33.13 1.69
CA LEU B 295 -26.78 32.76 2.33
C LEU B 295 -27.88 32.58 1.29
N HIS B 296 -27.98 33.53 0.34
CA HIS B 296 -28.88 33.35 -0.82
C HIS B 296 -28.75 31.95 -1.39
N GLU B 297 -27.52 31.50 -1.62
CA GLU B 297 -27.32 30.25 -2.36
C GLU B 297 -27.66 29.04 -1.49
N ALA B 298 -27.37 29.12 -0.20
CA ALA B 298 -27.77 28.06 0.73
C ALA B 298 -29.28 27.92 0.80
N LEU B 299 -29.98 29.01 1.08
CA LEU B 299 -31.44 28.97 1.12
C LEU B 299 -32.03 28.54 -0.22
N ARG B 300 -31.48 29.04 -1.33
CA ARG B 300 -31.94 28.61 -2.65
C ARG B 300 -31.82 27.11 -2.80
N HIS B 301 -30.69 26.54 -2.37
CA HIS B 301 -30.50 25.11 -2.56
C HIS B 301 -31.45 24.31 -1.68
N HIS B 302 -31.70 24.81 -0.47
CA HIS B 302 -32.72 24.22 0.40
C HIS B 302 -34.08 24.19 -0.28
N THR B 303 -34.55 25.36 -0.72
CA THR B 303 -35.85 25.46 -1.38
C THR B 303 -35.92 24.56 -2.62
N LEU B 304 -34.86 24.49 -3.40
CA LEU B 304 -34.89 23.67 -4.61
C LEU B 304 -35.00 22.20 -4.26
N SER B 305 -34.32 21.75 -3.21
CA SER B 305 -34.48 20.37 -2.77
C SER B 305 -35.91 20.09 -2.31
N GLN B 306 -36.49 21.04 -1.57
CA GLN B 306 -37.88 20.89 -1.15
C GLN B 306 -38.83 20.80 -2.35
N LEU B 307 -38.65 21.68 -3.34
CA LEU B 307 -39.49 21.65 -4.52
C LEU B 307 -39.29 20.36 -5.32
N ARG B 308 -38.06 19.84 -5.37
CA ARG B 308 -37.88 18.56 -6.05
C ARG B 308 -38.54 17.42 -5.28
N GLN B 309 -38.57 17.51 -3.95
CA GLN B 309 -39.30 16.53 -3.15
C GLN B 309 -40.80 16.58 -3.46
N LEU B 310 -41.41 17.75 -3.35
CA LEU B 310 -42.83 17.88 -3.64
C LEU B 310 -43.14 17.62 -5.11
N GLN B 311 -42.15 17.73 -5.98
CA GLN B 311 -42.38 17.43 -7.38
C GLN B 311 -42.35 15.93 -7.62
N ASP B 312 -41.51 15.21 -6.89
CA ASP B 312 -41.49 13.76 -7.05
C ASP B 312 -42.66 13.11 -6.33
N MET B 313 -43.03 13.64 -5.16
CA MET B 313 -44.23 13.19 -4.46
C MET B 313 -45.47 13.24 -5.34
N GLN B 314 -45.53 14.21 -6.24
CA GLN B 314 -46.69 14.40 -7.10
C GLN B 314 -46.36 14.13 -8.57
N ASP B 315 -45.50 13.15 -8.84
CA ASP B 315 -45.12 12.82 -10.22
C ASP B 315 -45.20 11.31 -10.45
N VAL B 316 -46.24 10.85 -11.13
CA VAL B 316 -46.32 9.46 -11.55
C VAL B 316 -47.03 9.36 -12.91
N GLY B 338 -33.99 15.68 4.16
CA GLY B 338 -34.07 15.86 2.72
C GLY B 338 -32.92 15.23 1.97
N ALA B 339 -33.03 15.15 0.64
CA ALA B 339 -31.95 14.62 -0.17
C ALA B 339 -30.65 15.37 0.09
N GLU B 340 -30.72 16.69 0.05
CA GLU B 340 -29.60 17.52 0.47
C GLU B 340 -30.12 18.80 1.12
N LYS B 341 -31.42 18.87 1.42
CA LYS B 341 -32.01 20.04 2.05
C LYS B 341 -31.56 20.18 3.50
N LYS B 342 -31.11 19.10 4.13
CA LYS B 342 -30.64 19.17 5.51
C LYS B 342 -29.27 19.86 5.59
N SER B 343 -28.31 19.41 4.78
CA SER B 343 -27.01 20.10 4.76
C SER B 343 -27.19 21.57 4.43
N ALA B 344 -28.04 21.88 3.45
CA ALA B 344 -28.27 23.27 3.07
C ALA B 344 -28.85 24.08 4.23
N ALA B 345 -29.88 23.54 4.89
CA ALA B 345 -30.43 24.22 6.07
C ALA B 345 -29.36 24.46 7.13
N SER B 346 -28.53 23.45 7.38
CA SER B 346 -27.52 23.57 8.43
C SER B 346 -26.46 24.61 8.04
N ILE B 347 -26.11 24.66 6.76
CA ILE B 347 -25.18 25.66 6.27
C ILE B 347 -25.76 27.05 6.45
N ALA B 348 -27.04 27.21 6.11
CA ALA B 348 -27.67 28.52 6.19
C ALA B 348 -27.77 28.99 7.63
N CYS B 349 -28.11 28.08 8.55
CA CYS B 349 -28.19 28.47 9.95
C CYS B 349 -26.81 28.77 10.52
N PHE B 350 -25.80 28.05 10.06
CA PHE B 350 -24.43 28.37 10.45
C PHE B 350 -24.06 29.79 10.02
N LEU B 351 -24.28 30.11 8.74
CA LEU B 351 -24.01 31.44 8.23
C LEU B 351 -24.73 32.51 9.05
N ALA B 352 -26.02 32.32 9.29
CA ALA B 352 -26.80 33.27 10.08
C ALA B 352 -26.22 33.43 11.48
N ALA B 353 -25.91 32.31 12.14
CA ALA B 353 -25.31 32.36 13.46
C ALA B 353 -24.06 33.22 13.50
N ASN B 354 -23.29 33.26 12.41
CA ASN B 354 -22.05 34.02 12.41
C ASN B 354 -22.22 35.44 11.91
N GLY B 355 -23.44 35.88 11.60
CA GLY B 355 -23.68 37.29 11.32
C GLY B 355 -24.11 37.62 9.90
N ALA B 356 -24.25 36.62 9.02
CA ALA B 356 -24.70 36.88 7.66
C ALA B 356 -26.00 37.69 7.65
N ASP B 357 -26.00 38.75 6.85
CA ASP B 357 -27.16 39.62 6.72
C ASP B 357 -28.33 38.88 6.08
N LEU B 358 -29.51 38.99 6.70
CA LEU B 358 -30.69 38.32 6.20
C LEU B 358 -31.52 39.18 5.25
N SER B 359 -31.10 40.42 4.97
CA SER B 359 -31.92 41.37 4.24
C SER B 359 -31.38 41.78 2.87
N ILE B 360 -30.09 41.58 2.62
CA ILE B 360 -29.50 41.98 1.35
C ILE B 360 -30.31 41.46 0.18
N ARG B 361 -30.52 42.30 -0.82
CA ARG B 361 -31.36 41.96 -1.96
C ARG B 361 -30.52 41.86 -3.22
N ASN B 362 -30.70 40.78 -3.96
CA ASN B 362 -29.99 40.54 -5.21
C ASN B 362 -30.64 41.34 -6.34
N LYS B 363 -30.22 41.04 -7.59
CA LYS B 363 -30.64 41.85 -8.73
C LYS B 363 -32.13 41.70 -8.99
N LYS B 364 -32.70 40.53 -8.73
CA LYS B 364 -34.14 40.35 -8.71
C LYS B 364 -34.82 41.04 -7.54
N GLY B 365 -34.09 41.71 -6.63
CA GLY B 365 -34.75 42.42 -5.56
C GLY B 365 -35.18 41.60 -4.38
N GLN B 366 -34.79 40.34 -4.30
CA GLN B 366 -35.22 39.42 -3.25
C GLN B 366 -34.12 39.23 -2.20
N SER B 367 -34.52 39.19 -0.94
CA SER B 367 -33.61 38.95 0.16
C SER B 367 -33.32 37.46 0.27
N PRO B 368 -32.30 37.06 1.05
CA PRO B 368 -32.14 35.63 1.33
C PRO B 368 -33.41 35.00 1.88
N LEU B 369 -34.09 35.68 2.82
CA LEU B 369 -35.33 35.11 3.35
C LEU B 369 -36.39 34.91 2.28
N ASP B 370 -36.39 35.77 1.25
CA ASP B 370 -37.36 35.66 0.16
C ASP B 370 -37.17 34.39 -0.66
N LEU B 371 -36.03 33.71 -0.52
CA LEU B 371 -35.76 32.45 -1.19
C LEU B 371 -35.99 31.25 -0.28
N CYS B 372 -36.55 31.47 0.90
CA CYS B 372 -36.78 30.41 1.87
C CYS B 372 -38.25 30.43 2.25
N PRO B 373 -39.08 29.58 1.63
CA PRO B 373 -40.50 29.58 1.98
C PRO B 373 -40.75 28.81 3.26
N ASP B 374 -39.89 27.83 3.54
CA ASP B 374 -39.93 27.09 4.79
C ASP B 374 -40.07 28.05 5.96
N PRO B 375 -41.17 27.98 6.71
CA PRO B 375 -41.37 28.93 7.82
C PRO B 375 -40.52 28.54 9.02
N ASN B 376 -40.43 27.23 9.26
CA ASN B 376 -39.58 26.70 10.32
C ASN B 376 -38.13 27.13 10.14
N LEU B 377 -37.64 27.12 8.90
CA LEU B 377 -36.25 27.49 8.69
C LEU B 377 -36.07 28.99 8.92
N CYS B 378 -37.06 29.81 8.53
CA CYS B 378 -36.97 31.23 8.84
C CYS B 378 -36.92 31.48 10.34
N LYS B 379 -37.76 30.75 11.10
CA LYS B 379 -37.72 30.89 12.55
C LYS B 379 -36.36 30.50 13.10
N ALA B 380 -35.78 29.41 12.59
CA ALA B 380 -34.46 28.99 13.06
C ALA B 380 -33.39 30.05 12.75
N LEU B 381 -33.44 30.63 11.54
CA LEU B 381 -32.46 31.66 11.18
C LEU B 381 -32.60 32.88 12.07
N ALA B 382 -33.83 33.26 12.38
CA ALA B 382 -34.02 34.37 13.31
C ALA B 382 -33.52 33.98 14.71
N LYS B 383 -33.72 32.72 15.08
CA LYS B 383 -33.22 32.20 16.36
C LYS B 383 -31.70 32.29 16.44
N CYS B 384 -31.01 32.10 15.32
CA CYS B 384 -29.54 32.14 15.29
C CYS B 384 -29.00 33.55 15.15
N HIS B 385 -29.70 34.40 14.41
CA HIS B 385 -29.20 35.72 14.08
C HIS B 385 -29.27 36.65 15.30
N LYS B 386 -28.45 37.71 15.25
CA LYS B 386 -28.35 38.71 16.32
C LYS B 386 -28.04 38.12 17.69
N UNK C 1 36.51 -19.44 -37.21
CA UNK C 1 36.98 -20.67 -36.59
C UNK C 1 36.22 -20.97 -35.31
N UNK C 2 36.63 -22.02 -34.61
CA UNK C 2 36.08 -22.36 -33.30
C UNK C 2 37.10 -23.24 -32.58
N UNK C 3 36.77 -23.61 -31.33
CA UNK C 3 37.67 -24.47 -30.56
C UNK C 3 37.89 -25.80 -31.27
N UNK C 4 36.80 -26.47 -31.65
CA UNK C 4 36.85 -27.76 -32.32
C UNK C 4 37.79 -28.72 -31.60
N UNK C 5 37.68 -28.73 -30.27
CA UNK C 5 38.53 -29.56 -29.40
C UNK C 5 38.23 -31.05 -29.58
#